data_7W88
#
_entry.id   7W88
#
_cell.length_a   1.00
_cell.length_b   1.00
_cell.length_c   1.00
_cell.angle_alpha   90.00
_cell.angle_beta   90.00
_cell.angle_gamma   90.00
#
_symmetry.space_group_name_H-M   'P 1'
#
_entity_poly.entity_id   1
_entity_poly.type   'polypeptide(L)'
_entity_poly.pdbx_seq_one_letter_code
;AMGSMSTAAPAPGSTATVRVSNIPASAIAAELLAFFDSAVTIAGATFACEIVAAHRGWLSRGHGFVQFDSSAAATHAIDL
ASSGRLPPFLGSCLSVSPARADLLPRAPDLSLRAASASLILGNRVAERELEVAYSCDGVRAEVIPRMRRVDLYLKHDSQS
YKLEVLFEDINECFGCHLDGTGAILLQLTYAPRIHIAISGSTVKSRFTDDRFHACKEDAKFAWVRALDFTPNSSFGECST
LVLKLSKGASVSYILESLPFSGELGELAIASMDVFGSSSNVVPLVDCPNGFSVPYEVLFRLNSLVHMGKLVARHVNADLF
KVLEDLSIDTLRRIFEKMSKLKSTCYEPLQFIRHEAHSMNMRKKALSNKRESGKLMRCYRIHITPSKIYCLGPEEEVSNY
VVKYHSEYASDFARVTFVDEDWSKLSPNALSARTEQGFFSKPLKTGLYHRILSILKEGFCIGPKKYEFLAFSASQLRGNS
VWMFASNSSLTAENIRRWMGHFEDIRSVSKCAARMGQLFSSSRQTFEVSSYDVEVIPDIEVTTDGTKYIFSDGIGKISTR
FARQVAKLIGLDPAHPPSAFQIRYGGYKGVITIDPTSFFNLSLRPSMKKFESKSTMLNITNWSKSQPCYVNREIISLLST
LGIKDEVFESMQQDDMHESDGMLTNKEAALSVLGKIGGGDTKTAADMLLQGYEPSSEPYLLMILKAHRANRLTDIRTRCK
IHVQKGRVLIGCLDETCKLEYGQVYIRITKNHKEQKYSEQPFFCNDDGKTAVIVGKVAITKNPCLHPGDVRVLEAVYDPG
LDARGLIDCVVFPQRGERPHPNECSGGDLDGDLFFITWDDKLIPEKVDAPMDYTATRPRIMDHAVTLEEIQKHFVSYMIN
DTLGAISTAHLIHADRDPLKARSPECVQLAALHSMAVDFAKTGAPAEMPLALRPREFPDFMERWERPMYVSNGVLGKLYR
AALRHAADAAALLPAGPPSCVYDPDLEVAGFDEFLDAAEERYEAYAERLGALMTYYSAEREDEILTGNIRNKLVYLRRDN
KRYFEMKDRIIAAVDALHAEVRGWLRACKEDDASRVASAWYHVTYHPDRRGEKRFWSFPWIICDTLLAIKAARRCRKRVE
DAAVPMDCDGS
;
_entity_poly.pdbx_strand_id   A
#
# COMPACT_ATOMS: atom_id res chain seq x y z
N SER A 116 -21.84 -32.62 21.55
CA SER A 116 -20.98 -32.01 22.56
C SER A 116 -19.54 -32.49 22.40
N ALA A 117 -18.78 -31.78 21.58
CA ALA A 117 -17.38 -32.12 21.34
C ALA A 117 -16.53 -31.71 22.53
N SER A 118 -15.21 -31.83 22.41
CA SER A 118 -14.31 -31.43 23.47
C SER A 118 -13.02 -30.92 22.83
N LEU A 119 -12.72 -29.65 23.05
CA LEU A 119 -11.51 -29.07 22.46
C LEU A 119 -10.28 -29.68 23.10
N ILE A 120 -9.38 -30.20 22.27
CA ILE A 120 -8.08 -30.70 22.71
C ILE A 120 -7.04 -30.00 21.84
N LEU A 121 -6.55 -28.86 22.30
CA LEU A 121 -5.57 -28.09 21.55
C LEU A 121 -4.19 -28.72 21.71
N GLY A 122 -3.19 -28.06 21.18
CA GLY A 122 -1.82 -28.51 21.37
C GLY A 122 -1.05 -28.43 20.07
N ASN A 123 -0.05 -29.30 19.95
CA ASN A 123 0.86 -29.32 18.81
C ASN A 123 1.04 -30.76 18.33
N ARG A 124 1.85 -30.91 17.28
CA ARG A 124 2.26 -32.22 16.79
C ARG A 124 3.78 -32.28 16.78
N VAL A 125 4.33 -33.34 17.37
CA VAL A 125 5.77 -33.56 17.34
C VAL A 125 6.16 -34.68 16.39
N ALA A 126 5.32 -35.68 16.19
CA ALA A 126 5.48 -36.70 15.16
C ALA A 126 4.33 -36.58 14.16
N GLU A 127 4.30 -37.49 13.19
CA GLU A 127 3.26 -37.43 12.17
C GLU A 127 1.89 -37.69 12.76
N ARG A 128 1.82 -38.35 13.92
CA ARG A 128 0.54 -38.64 14.55
C ARG A 128 0.57 -38.45 16.06
N GLU A 129 1.64 -37.89 16.62
CA GLU A 129 1.79 -37.73 18.07
C GLU A 129 1.40 -36.31 18.45
N LEU A 130 0.31 -36.17 19.20
CA LEU A 130 -0.21 -34.87 19.61
C LEU A 130 0.17 -34.60 21.06
N GLU A 131 0.68 -33.40 21.31
CA GLU A 131 1.01 -32.95 22.66
C GLU A 131 -0.05 -31.96 23.11
N VAL A 132 -0.78 -32.32 24.18
CA VAL A 132 -1.92 -31.53 24.62
C VAL A 132 -1.43 -30.33 25.42
N ALA A 133 -2.13 -29.20 25.24
CA ALA A 133 -1.84 -27.98 25.99
C ALA A 133 -3.05 -27.35 26.64
N TYR A 134 -4.27 -27.67 26.20
CA TYR A 134 -5.48 -27.17 26.85
C TYR A 134 -6.62 -28.12 26.50
N SER A 135 -7.53 -28.29 27.46
CA SER A 135 -8.66 -29.18 27.30
C SER A 135 -9.91 -28.49 27.82
N CYS A 136 -11.05 -28.82 27.22
CA CYS A 136 -12.32 -28.21 27.60
C CYS A 136 -13.45 -29.19 27.30
N ASP A 137 -14.62 -28.90 27.85
CA ASP A 137 -15.80 -29.74 27.69
C ASP A 137 -17.02 -28.87 27.46
N GLY A 138 -18.06 -29.49 26.91
CA GLY A 138 -19.30 -28.80 26.60
C GLY A 138 -19.29 -28.03 25.29
N VAL A 139 -18.20 -28.10 24.53
CA VAL A 139 -18.12 -27.34 23.28
C VAL A 139 -19.21 -27.81 22.32
N ARG A 140 -19.96 -26.85 21.78
CA ARG A 140 -20.95 -27.12 20.75
C ARG A 140 -20.48 -26.51 19.44
N ALA A 141 -20.58 -27.27 18.36
CA ALA A 141 -20.07 -26.87 17.06
C ALA A 141 -21.20 -26.77 16.05
N GLU A 142 -21.07 -25.82 15.13
CA GLU A 142 -22.00 -25.66 14.03
C GLU A 142 -21.22 -25.32 12.77
N VAL A 143 -21.64 -25.91 11.65
CA VAL A 143 -21.05 -25.65 10.35
C VAL A 143 -22.13 -25.11 9.44
N ILE A 144 -21.84 -24.00 8.76
CA ILE A 144 -22.77 -23.35 7.85
C ILE A 144 -22.08 -23.16 6.51
N PRO A 145 -22.62 -23.74 5.43
CA PRO A 145 -21.96 -23.61 4.13
C PRO A 145 -21.92 -22.19 3.61
N ARG A 146 -22.94 -21.39 3.90
CA ARG A 146 -22.94 -19.99 3.50
C ARG A 146 -21.81 -19.25 4.21
N MET A 147 -21.03 -18.50 3.42
CA MET A 147 -19.82 -17.82 3.88
C MET A 147 -18.74 -18.81 4.32
N ARG A 148 -19.02 -20.11 4.20
CA ARG A 148 -18.06 -21.17 4.50
C ARG A 148 -17.47 -21.01 5.91
N ARG A 149 -18.34 -21.07 6.90
CA ARG A 149 -17.97 -20.77 8.28
C ARG A 149 -18.32 -21.94 9.18
N VAL A 150 -17.48 -22.13 10.21
CA VAL A 150 -17.74 -23.09 11.28
C VAL A 150 -17.41 -22.42 12.60
N ASP A 151 -18.36 -22.48 13.54
CA ASP A 151 -18.23 -21.78 14.82
C ASP A 151 -18.45 -22.75 15.98
N LEU A 152 -17.88 -22.40 17.13
CA LEU A 152 -17.93 -23.23 18.32
C LEU A 152 -18.43 -22.40 19.49
N TYR A 153 -19.35 -22.96 20.27
CA TYR A 153 -19.98 -22.27 21.40
C TYR A 153 -19.50 -22.91 22.69
N LEU A 154 -18.38 -22.42 23.22
CA LEU A 154 -17.83 -22.92 24.47
C LEU A 154 -17.90 -21.82 25.53
N LYS A 155 -17.93 -22.25 26.80
CA LYS A 155 -17.98 -21.34 27.92
C LYS A 155 -16.83 -21.65 28.88
N HIS A 156 -16.38 -20.63 29.62
CA HIS A 156 -15.31 -20.81 30.61
C HIS A 156 -15.83 -20.33 31.96
N ASP A 157 -16.63 -21.18 32.60
CA ASP A 157 -16.93 -21.15 34.03
C ASP A 157 -17.76 -19.95 34.49
N SER A 158 -17.88 -18.91 33.67
CA SER A 158 -18.75 -17.80 34.05
C SER A 158 -19.43 -17.10 32.90
N GLN A 159 -19.24 -17.53 31.65
CA GLN A 159 -19.69 -16.74 30.51
C GLN A 159 -20.26 -17.60 29.40
N SER A 160 -20.43 -17.02 28.22
CA SER A 160 -20.77 -17.77 27.01
C SER A 160 -19.92 -17.21 25.88
N TYR A 161 -18.74 -17.78 25.69
CA TYR A 161 -17.84 -17.39 24.61
C TYR A 161 -18.29 -18.02 23.30
N LYS A 162 -17.63 -17.61 22.21
CA LYS A 162 -17.95 -18.15 20.90
C LYS A 162 -16.76 -17.95 19.98
N LEU A 163 -16.38 -19.01 19.28
CA LEU A 163 -15.30 -18.98 18.31
C LEU A 163 -15.88 -18.91 16.90
N GLU A 164 -15.05 -18.50 15.96
CA GLU A 164 -15.45 -18.43 14.56
C GLU A 164 -14.22 -18.59 13.69
N VAL A 165 -14.21 -19.63 12.85
CA VAL A 165 -13.12 -19.89 11.93
C VAL A 165 -13.72 -20.29 10.58
N LEU A 166 -13.09 -19.82 9.50
CA LEU A 166 -13.63 -20.00 8.16
C LEU A 166 -12.95 -21.18 7.48
N PHE A 167 -13.41 -21.48 6.26
CA PHE A 167 -12.90 -22.65 5.53
C PHE A 167 -11.56 -22.36 4.87
N GLU A 168 -11.26 -21.09 4.59
CA GLU A 168 -10.04 -20.74 3.87
C GLU A 168 -8.81 -20.64 4.76
N ASP A 169 -8.96 -20.82 6.07
CA ASP A 169 -7.87 -20.66 7.02
C ASP A 169 -7.38 -21.98 7.58
N ILE A 170 -7.65 -23.09 6.91
CA ILE A 170 -7.28 -24.42 7.35
C ILE A 170 -6.22 -24.97 6.41
N ASN A 171 -5.13 -25.49 6.96
CA ASN A 171 -4.02 -25.96 6.15
C ASN A 171 -4.22 -27.42 5.73
N GLU A 172 -4.54 -28.29 6.69
CA GLU A 172 -4.77 -29.69 6.41
C GLU A 172 -5.94 -30.19 7.23
N CYS A 173 -6.39 -31.40 6.92
CA CYS A 173 -7.52 -32.00 7.62
C CYS A 173 -7.39 -33.52 7.53
N PHE A 174 -7.01 -34.14 8.63
CA PHE A 174 -6.93 -35.59 8.72
C PHE A 174 -8.05 -36.11 9.60
N GLY A 175 -8.79 -37.11 9.10
CA GLY A 175 -9.82 -37.73 9.89
C GLY A 175 -9.25 -38.78 10.82
N CYS A 176 -8.55 -38.31 11.86
CA CYS A 176 -7.82 -39.20 12.76
C CYS A 176 -8.81 -40.00 13.63
N HIS A 177 -8.25 -40.80 14.53
CA HIS A 177 -9.03 -41.62 15.45
C HIS A 177 -8.37 -41.63 16.81
N LEU A 178 -9.14 -41.30 17.84
CA LEU A 178 -8.68 -41.31 19.23
C LEU A 178 -9.68 -42.11 20.04
N ASP A 179 -9.22 -43.23 20.60
CA ASP A 179 -10.05 -44.14 21.38
C ASP A 179 -11.23 -44.67 20.57
N GLY A 180 -11.11 -44.63 19.24
CA GLY A 180 -12.16 -45.14 18.37
C GLY A 180 -13.48 -44.40 18.46
N THR A 181 -13.43 -43.11 18.77
CA THR A 181 -14.66 -42.31 18.90
C THR A 181 -14.48 -40.94 18.28
N GLY A 182 -13.87 -40.88 17.10
CA GLY A 182 -13.85 -39.64 16.34
C GLY A 182 -12.53 -38.91 16.29
N ALA A 183 -12.48 -37.74 16.93
CA ALA A 183 -11.28 -36.90 16.98
C ALA A 183 -10.81 -36.47 15.59
N ILE A 184 -11.65 -35.67 14.94
CA ILE A 184 -11.29 -35.07 13.66
C ILE A 184 -10.25 -33.97 13.91
N LEU A 185 -9.08 -34.13 13.30
CA LEU A 185 -8.00 -33.17 13.46
C LEU A 185 -8.24 -31.95 12.59
N LEU A 186 -7.67 -30.81 13.01
CA LEU A 186 -7.84 -29.56 12.28
C LEU A 186 -6.61 -28.70 12.53
N GLN A 187 -5.69 -28.70 11.58
CA GLN A 187 -4.56 -27.78 11.63
C GLN A 187 -4.98 -26.42 11.08
N LEU A 188 -4.54 -25.36 11.76
CA LEU A 188 -4.92 -24.00 11.39
C LEU A 188 -3.68 -23.18 11.04
N THR A 189 -3.91 -22.11 10.29
CA THR A 189 -2.88 -21.11 10.02
C THR A 189 -3.23 -19.73 10.53
N TYR A 190 -4.49 -19.46 10.83
CA TYR A 190 -4.94 -18.20 11.42
C TYR A 190 -5.79 -18.49 12.64
N ALA A 191 -5.45 -17.85 13.76
CA ALA A 191 -6.19 -18.07 14.99
C ALA A 191 -7.65 -17.67 14.82
N PRO A 192 -8.55 -18.27 15.60
CA PRO A 192 -9.98 -17.98 15.46
C PRO A 192 -10.30 -16.59 16.01
N ARG A 193 -11.59 -16.27 16.01
CA ARG A 193 -12.10 -15.02 16.54
C ARG A 193 -13.02 -15.31 17.71
N ILE A 194 -12.69 -14.76 18.88
CA ILE A 194 -13.44 -15.03 20.08
C ILE A 194 -14.45 -13.91 20.29
N HIS A 195 -15.50 -14.20 21.07
CA HIS A 195 -16.54 -13.22 21.34
C HIS A 195 -16.89 -13.31 22.83
N ILE A 196 -17.84 -12.48 23.25
CA ILE A 196 -18.33 -12.46 24.62
C ILE A 196 -19.83 -12.21 24.58
N ALA A 197 -20.55 -12.78 25.54
CA ALA A 197 -21.99 -12.61 25.64
C ALA A 197 -22.33 -11.28 26.31
N ILE A 198 -23.56 -10.84 26.08
CA ILE A 198 -24.03 -9.56 26.63
C ILE A 198 -25.33 -9.75 27.38
N TRP A 223 -22.87 -9.73 20.85
CA TRP A 223 -21.52 -10.28 20.92
C TRP A 223 -20.47 -9.20 20.65
N VAL A 224 -19.46 -9.15 21.50
CA VAL A 224 -18.34 -8.24 21.36
C VAL A 224 -17.05 -9.05 21.35
N ARG A 225 -16.02 -8.51 20.71
CA ARG A 225 -14.77 -9.23 20.56
C ARG A 225 -14.14 -9.54 21.93
N ALA A 226 -13.26 -10.52 21.95
CA ALA A 226 -12.69 -11.03 23.20
C ALA A 226 -11.17 -11.06 23.11
N LEU A 227 -10.55 -11.48 24.21
CA LEU A 227 -9.11 -11.33 24.40
C LEU A 227 -8.50 -12.62 24.97
N ASP A 228 -8.81 -13.76 24.34
CA ASP A 228 -8.11 -15.01 24.67
C ASP A 228 -8.31 -15.44 26.12
N PHE A 229 -9.54 -15.82 26.47
CA PHE A 229 -9.91 -16.13 27.85
C PHE A 229 -9.09 -17.25 28.47
N THR A 230 -8.39 -18.05 27.68
CA THR A 230 -7.75 -19.25 28.17
C THR A 230 -6.80 -18.92 29.34
N PRO A 231 -6.64 -19.85 30.29
CA PRO A 231 -5.90 -19.52 31.52
C PRO A 231 -4.43 -19.23 31.30
N ASN A 232 -3.76 -19.89 30.36
CA ASN A 232 -2.31 -19.77 30.20
C ASN A 232 -1.91 -19.39 28.79
N SER A 233 -2.72 -18.60 28.08
CA SER A 233 -2.43 -18.15 26.72
C SER A 233 -2.16 -19.34 25.81
N SER A 234 -3.17 -20.20 25.69
CA SER A 234 -3.09 -21.40 24.86
C SER A 234 -3.33 -21.10 23.39
N PHE A 235 -4.42 -20.38 23.06
CA PHE A 235 -4.77 -20.11 21.67
C PHE A 235 -3.64 -19.42 20.91
N GLY A 236 -2.65 -18.89 21.61
CA GLY A 236 -1.51 -18.27 20.95
C GLY A 236 -0.36 -19.19 20.64
N GLU A 237 -0.36 -20.41 21.17
CA GLU A 237 0.77 -21.31 20.99
C GLU A 237 0.40 -22.66 20.39
N CYS A 238 -0.88 -23.00 20.35
CA CYS A 238 -1.28 -24.34 19.92
C CYS A 238 -1.21 -24.50 18.41
N SER A 239 -2.01 -23.71 17.68
CA SER A 239 -2.11 -23.83 16.22
C SER A 239 -2.54 -25.23 15.79
N THR A 240 -3.50 -25.79 16.52
CA THR A 240 -4.10 -27.09 16.23
C THR A 240 -5.35 -27.22 17.08
N LEU A 241 -6.42 -27.72 16.50
CA LEU A 241 -7.74 -27.68 17.13
C LEU A 241 -8.42 -29.04 17.04
N VAL A 242 -7.70 -30.09 17.42
CA VAL A 242 -8.32 -31.41 17.50
C VAL A 242 -9.51 -31.37 18.45
N LEU A 243 -10.63 -31.91 18.01
CA LEU A 243 -11.83 -31.98 18.83
C LEU A 243 -12.35 -33.41 18.85
N LYS A 244 -12.51 -33.97 20.05
CA LYS A 244 -12.97 -35.35 20.21
C LYS A 244 -14.47 -35.38 19.91
N LEU A 245 -14.78 -35.36 18.62
CA LEU A 245 -16.17 -35.37 18.20
C LEU A 245 -16.85 -36.66 18.64
N SER A 246 -17.90 -36.52 19.45
CA SER A 246 -18.62 -37.67 19.98
C SER A 246 -20.09 -37.50 19.65
N LYS A 247 -20.62 -38.39 18.82
CA LYS A 247 -21.99 -38.32 18.32
C LYS A 247 -22.29 -39.65 17.67
N GLY A 248 -23.56 -39.83 17.28
CA GLY A 248 -23.99 -41.05 16.60
C GLY A 248 -23.09 -41.46 15.44
N ALA A 249 -22.61 -40.47 14.69
CA ALA A 249 -21.58 -40.67 13.68
C ALA A 249 -20.37 -39.85 14.07
N SER A 250 -19.20 -40.49 14.09
CA SER A 250 -18.02 -39.86 14.69
C SER A 250 -17.49 -38.72 13.83
N VAL A 251 -17.00 -39.03 12.63
CA VAL A 251 -16.45 -38.01 11.76
C VAL A 251 -17.11 -38.08 10.39
N SER A 252 -17.63 -39.26 10.03
CA SER A 252 -18.13 -39.47 8.68
C SER A 252 -19.37 -38.64 8.39
N TYR A 253 -20.09 -38.17 9.41
CA TYR A 253 -21.25 -37.33 9.19
C TYR A 253 -20.86 -35.98 8.61
N ILE A 254 -19.82 -35.37 9.19
CA ILE A 254 -19.34 -34.07 8.72
C ILE A 254 -17.88 -34.24 8.35
N LEU A 255 -17.64 -34.58 7.08
CA LEU A 255 -16.32 -34.48 6.46
C LEU A 255 -16.40 -34.01 5.02
N GLU A 256 -17.59 -33.97 4.42
CA GLU A 256 -17.76 -33.49 3.06
C GLU A 256 -17.58 -31.98 2.94
N SER A 257 -17.88 -31.24 4.00
CA SER A 257 -17.72 -29.79 4.00
C SER A 257 -16.28 -29.35 4.23
N LEU A 258 -15.34 -30.29 4.22
CA LEU A 258 -13.94 -30.02 4.51
C LEU A 258 -13.10 -30.55 3.36
N PRO A 259 -11.89 -30.00 3.17
CA PRO A 259 -11.09 -30.36 1.99
C PRO A 259 -10.89 -31.85 1.74
N PHE A 260 -10.33 -32.57 2.70
CA PHE A 260 -10.09 -34.00 2.54
C PHE A 260 -9.98 -34.62 3.93
N SER A 261 -9.72 -35.93 3.96
CA SER A 261 -9.59 -36.66 5.22
C SER A 261 -8.85 -37.98 5.05
N GLY A 262 -7.75 -38.15 5.79
CA GLY A 262 -7.02 -39.41 5.80
C GLY A 262 -6.76 -39.90 7.21
N GLU A 263 -7.30 -41.06 7.55
CA GLU A 263 -7.22 -41.54 8.93
C GLU A 263 -5.80 -41.91 9.31
N LEU A 264 -5.40 -41.52 10.52
CA LEU A 264 -4.09 -41.83 11.06
C LEU A 264 -4.17 -42.66 12.33
N GLY A 265 -4.92 -42.21 13.33
CA GLY A 265 -5.24 -43.03 14.50
C GLY A 265 -4.11 -43.30 15.48
N GLU A 266 -3.65 -42.28 16.20
CA GLU A 266 -2.69 -42.47 17.29
C GLU A 266 -3.11 -41.61 18.47
N LEU A 267 -2.31 -41.67 19.54
CA LEU A 267 -2.68 -41.17 20.86
C LEU A 267 -1.83 -39.95 21.24
N ALA A 268 -2.26 -39.28 22.31
CA ALA A 268 -1.52 -38.14 22.84
C ALA A 268 -0.19 -38.60 23.43
N ILE A 269 0.69 -37.63 23.68
CA ILE A 269 2.03 -37.97 24.16
C ILE A 269 2.38 -37.32 25.50
N ALA A 270 2.12 -36.04 25.66
CA ALA A 270 2.56 -35.32 26.86
C ALA A 270 1.79 -34.01 26.98
N SER A 271 2.24 -33.18 27.91
CA SER A 271 1.61 -31.87 28.15
C SER A 271 2.36 -30.77 27.41
N ASN A 280 2.74 -11.50 28.22
CA ASN A 280 3.43 -10.77 27.17
C ASN A 280 2.90 -11.16 25.78
N VAL A 281 3.80 -11.64 24.93
CA VAL A 281 3.46 -12.05 23.57
C VAL A 281 3.93 -13.48 23.36
N VAL A 282 3.05 -14.31 22.80
CA VAL A 282 3.37 -15.71 22.52
C VAL A 282 2.86 -16.07 21.14
N PRO A 283 3.56 -17.00 20.45
CA PRO A 283 4.70 -17.81 20.87
C PRO A 283 6.05 -17.28 20.40
N LEU A 284 7.06 -17.41 21.27
CA LEU A 284 8.42 -17.02 20.93
C LEU A 284 9.37 -18.10 21.42
N VAL A 285 10.49 -18.25 20.71
CA VAL A 285 11.48 -19.28 20.99
C VAL A 285 12.78 -18.59 21.36
N ASP A 286 13.35 -18.97 22.51
CA ASP A 286 14.55 -18.35 23.03
C ASP A 286 15.72 -19.33 22.93
N CYS A 287 16.91 -18.78 22.67
CA CYS A 287 18.11 -19.58 22.49
C CYS A 287 18.63 -20.05 23.85
N PRO A 288 18.76 -21.37 24.06
CA PRO A 288 19.30 -21.87 25.32
C PRO A 288 20.72 -21.37 25.54
N ASN A 289 21.16 -21.50 26.79
CA ASN A 289 22.46 -20.99 27.20
C ASN A 289 23.59 -21.78 26.56
N GLY A 290 24.78 -21.17 26.52
CA GLY A 290 25.95 -21.81 25.98
C GLY A 290 26.16 -21.64 24.49
N PHE A 291 25.20 -21.07 23.78
CA PHE A 291 25.29 -20.87 22.33
C PHE A 291 25.08 -19.40 22.01
N SER A 292 25.28 -19.05 20.74
CA SER A 292 25.14 -17.66 20.30
C SER A 292 24.93 -17.66 18.79
N VAL A 293 23.77 -17.19 18.35
CA VAL A 293 23.45 -17.08 16.93
C VAL A 293 23.06 -15.64 16.62
N PRO A 294 23.28 -15.16 15.40
CA PRO A 294 22.82 -13.81 15.05
C PRO A 294 21.32 -13.69 15.22
N TYR A 295 20.87 -12.46 15.49
CA TYR A 295 19.46 -12.25 15.83
C TYR A 295 18.55 -12.60 14.66
N GLU A 296 19.02 -12.38 13.43
CA GLU A 296 18.20 -12.71 12.27
C GLU A 296 17.87 -14.20 12.23
N VAL A 297 18.77 -15.05 12.73
CA VAL A 297 18.51 -16.49 12.75
C VAL A 297 17.38 -16.81 13.72
N LEU A 298 17.41 -16.20 14.91
CA LEU A 298 16.31 -16.39 15.85
C LEU A 298 15.00 -15.86 15.28
N PHE A 299 15.07 -14.72 14.60
CA PHE A 299 13.86 -14.15 14.00
C PHE A 299 13.28 -15.08 12.95
N ARG A 300 14.15 -15.69 12.13
CA ARG A 300 13.66 -16.59 11.08
C ARG A 300 13.14 -17.90 11.67
N LEU A 301 13.78 -18.38 12.73
CA LEU A 301 13.26 -19.56 13.43
C LEU A 301 11.88 -19.28 14.01
N ASN A 302 11.70 -18.11 14.62
CA ASN A 302 10.39 -17.76 15.16
C ASN A 302 9.36 -17.61 14.05
N SER A 303 9.76 -17.04 12.91
CA SER A 303 8.83 -16.91 11.79
C SER A 303 8.42 -18.27 11.24
N LEU A 304 9.34 -19.24 11.26
CA LEU A 304 9.00 -20.58 10.82
C LEU A 304 8.08 -21.27 11.82
N VAL A 305 8.31 -21.04 13.12
CA VAL A 305 7.40 -21.58 14.13
C VAL A 305 6.00 -21.00 13.97
N HIS A 306 5.92 -19.72 13.61
CA HIS A 306 4.62 -19.06 13.49
C HIS A 306 3.87 -19.50 12.24
N MET A 307 4.56 -19.67 11.12
CA MET A 307 3.91 -20.09 9.88
C MET A 307 3.41 -21.53 9.97
N GLY A 308 4.23 -22.42 10.53
CA GLY A 308 3.81 -23.80 10.69
C GLY A 308 4.76 -24.80 10.07
N LYS A 309 6.01 -24.39 9.82
CA LYS A 309 6.99 -25.28 9.22
C LYS A 309 7.77 -26.09 10.25
N LEU A 310 8.00 -25.53 11.43
CA LEU A 310 8.75 -26.17 12.50
C LEU A 310 7.86 -26.36 13.71
N VAL A 311 8.44 -26.92 14.78
CA VAL A 311 7.79 -27.03 16.08
C VAL A 311 8.76 -26.49 17.12
N ALA A 312 8.20 -25.87 18.17
CA ALA A 312 9.05 -25.27 19.20
C ALA A 312 9.66 -26.31 20.12
N ARG A 313 9.03 -27.48 20.24
CA ARG A 313 9.58 -28.54 21.08
C ARG A 313 10.90 -29.05 20.53
N HIS A 314 11.10 -29.02 19.22
CA HIS A 314 12.26 -29.65 18.61
C HIS A 314 13.52 -28.81 18.68
N VAL A 315 13.40 -27.50 18.94
CA VAL A 315 14.57 -26.61 18.98
C VAL A 315 15.08 -26.65 20.41
N ASN A 316 15.89 -27.67 20.72
CA ASN A 316 16.50 -27.82 22.04
C ASN A 316 18.00 -28.10 21.86
N ALA A 317 18.77 -27.04 21.65
CA ALA A 317 20.24 -27.05 21.70
C ALA A 317 20.86 -27.92 20.61
N ASP A 318 20.03 -28.69 19.91
CA ASP A 318 20.54 -29.60 18.88
C ASP A 318 20.54 -28.95 17.51
N LEU A 319 19.46 -28.22 17.18
CA LEU A 319 19.52 -27.35 16.02
C LEU A 319 20.66 -26.35 16.14
N PHE A 320 20.90 -25.85 17.36
CA PHE A 320 21.97 -24.90 17.58
C PHE A 320 23.33 -25.58 17.48
N LYS A 321 23.45 -26.80 17.98
CA LYS A 321 24.71 -27.54 17.80
C LYS A 321 24.97 -27.80 16.32
N VAL A 322 23.91 -28.04 15.55
CA VAL A 322 24.07 -28.31 14.12
C VAL A 322 24.54 -27.06 13.39
N LEU A 323 23.74 -25.99 13.46
CA LEU A 323 24.06 -24.76 12.75
C LEU A 323 24.94 -23.83 13.56
N GLU A 324 25.70 -24.36 14.51
CA GLU A 324 26.57 -23.55 15.36
C GLU A 324 27.74 -22.94 14.59
N ASP A 325 28.11 -23.52 13.45
CA ASP A 325 29.27 -23.03 12.69
C ASP A 325 29.06 -23.35 11.21
N LEU A 326 28.60 -22.36 10.47
CA LEU A 326 28.49 -22.41 9.01
C LEU A 326 28.18 -21.00 8.53
N SER A 327 27.96 -20.84 7.21
CA SER A 327 27.66 -19.53 6.66
C SER A 327 26.21 -19.16 6.96
N ILE A 328 25.89 -17.89 6.72
CA ILE A 328 24.56 -17.36 7.01
C ILE A 328 23.70 -17.44 5.75
N ASP A 329 24.32 -17.30 4.58
CA ASP A 329 23.56 -17.34 3.34
C ASP A 329 23.09 -18.75 3.00
N THR A 330 23.91 -19.76 3.31
CA THR A 330 23.46 -21.14 3.15
C THR A 330 22.31 -21.45 4.10
N LEU A 331 22.36 -20.91 5.32
CA LEU A 331 21.23 -21.03 6.24
C LEU A 331 19.99 -20.37 5.65
N ARG A 332 20.15 -19.19 5.07
CA ARG A 332 19.03 -18.50 4.45
C ARG A 332 18.41 -19.33 3.34
N ARG A 333 19.26 -19.95 2.51
CA ARG A 333 18.74 -20.77 1.41
C ARG A 333 18.05 -22.03 1.94
N ILE A 334 18.62 -22.64 2.99
CA ILE A 334 17.97 -23.81 3.59
C ILE A 334 16.59 -23.43 4.12
N PHE A 335 16.50 -22.27 4.79
CA PHE A 335 15.21 -21.80 5.29
C PHE A 335 14.23 -21.55 4.15
N GLU A 336 14.70 -20.89 3.08
CA GLU A 336 13.81 -20.55 1.98
C GLU A 336 13.32 -21.80 1.26
N LYS A 337 14.17 -22.83 1.17
CA LYS A 337 13.70 -24.12 0.67
C LYS A 337 12.72 -24.74 1.64
N MET A 338 12.93 -24.53 2.94
CA MET A 338 11.98 -24.99 3.94
C MET A 338 10.75 -24.09 3.99
N SER A 339 10.91 -22.81 3.65
CA SER A 339 9.81 -21.86 3.67
C SER A 339 8.74 -22.18 2.64
N LYS A 340 9.01 -23.07 1.69
CA LYS A 340 8.08 -23.33 0.60
C LYS A 340 7.50 -24.74 0.62
N LEU A 341 7.98 -25.61 1.51
CA LEU A 341 7.48 -26.99 1.53
C LEU A 341 6.04 -27.00 2.04
N LYS A 342 5.47 -28.21 2.10
CA LYS A 342 4.03 -28.32 2.39
C LYS A 342 3.72 -28.02 3.85
N SER A 343 4.19 -28.86 4.77
CA SER A 343 3.83 -28.70 6.17
C SER A 343 4.71 -29.50 7.12
N THR A 344 5.22 -28.82 8.16
CA THR A 344 5.69 -29.46 9.39
C THR A 344 6.81 -30.47 9.11
N CYS A 345 7.95 -29.95 8.69
CA CYS A 345 9.13 -30.80 8.57
C CYS A 345 9.49 -31.38 9.93
N TYR A 346 9.29 -32.70 10.10
CA TYR A 346 9.47 -33.33 11.40
C TYR A 346 10.92 -33.73 11.68
N GLU A 347 11.79 -33.75 10.67
CA GLU A 347 13.19 -34.11 10.83
C GLU A 347 14.04 -32.89 10.48
N PRO A 348 14.19 -31.94 11.40
CA PRO A 348 15.00 -30.76 11.07
C PRO A 348 16.47 -31.06 10.89
N LEU A 349 17.03 -31.97 11.70
CA LEU A 349 18.44 -32.30 11.57
C LEU A 349 18.73 -32.99 10.24
N GLN A 350 17.92 -33.99 9.88
CA GLN A 350 18.10 -34.68 8.61
C GLN A 350 17.98 -33.70 7.45
N PHE A 351 16.96 -32.85 7.47
CA PHE A 351 16.76 -31.89 6.40
C PHE A 351 17.95 -30.95 6.28
N ILE A 352 18.38 -30.36 7.39
CA ILE A 352 19.44 -29.36 7.33
C ILE A 352 20.76 -30.00 6.89
N ARG A 353 21.02 -31.23 7.32
CA ARG A 353 22.26 -31.87 6.90
C ARG A 353 22.22 -32.27 5.43
N HIS A 354 21.12 -32.90 4.99
CA HIS A 354 21.01 -33.30 3.60
C HIS A 354 21.06 -32.09 2.66
N GLU A 355 20.59 -30.93 3.13
CA GLU A 355 20.66 -29.74 2.29
C GLU A 355 22.00 -29.03 2.41
N ALA A 356 22.72 -29.24 3.51
CA ALA A 356 24.08 -28.72 3.62
C ALA A 356 25.07 -29.55 2.82
N HIS A 357 24.71 -30.79 2.48
CA HIS A 357 25.58 -31.62 1.65
C HIS A 357 25.99 -30.89 0.38
N SER A 358 25.04 -30.27 -0.30
CA SER A 358 25.30 -29.56 -1.55
C SER A 358 25.86 -28.16 -1.26
N MET A 359 26.98 -28.13 -0.56
CA MET A 359 27.63 -26.88 -0.17
C MET A 359 28.34 -26.28 -1.38
N ASN A 360 27.62 -25.47 -2.15
CA ASN A 360 28.21 -24.81 -3.31
C ASN A 360 27.31 -23.68 -3.79
N LYS A 374 21.03 0.23 -0.99
CA LYS A 374 20.17 1.35 -0.64
C LYS A 374 18.90 0.84 0.06
N LEU A 375 18.50 -0.37 -0.31
CA LEU A 375 17.33 -1.00 0.31
C LEU A 375 17.77 -1.77 1.56
N MET A 376 17.36 -1.26 2.72
CA MET A 376 17.74 -1.85 3.99
C MET A 376 16.79 -3.00 4.35
N ARG A 377 17.29 -3.89 5.21
CA ARG A 377 16.46 -4.97 5.74
C ARG A 377 15.51 -4.42 6.78
N CYS A 378 14.23 -4.77 6.66
CA CYS A 378 13.20 -4.27 7.57
C CYS A 378 12.51 -5.46 8.23
N TYR A 379 12.67 -5.57 9.55
CA TYR A 379 11.97 -6.60 10.30
C TYR A 379 10.54 -6.13 10.60
N ARG A 380 9.57 -6.94 10.23
CA ARG A 380 8.17 -6.62 10.48
C ARG A 380 7.61 -7.51 11.57
N ILE A 381 6.57 -7.01 12.24
CA ILE A 381 5.85 -7.75 13.27
C ILE A 381 4.38 -7.42 13.12
N HIS A 382 3.52 -8.40 13.39
CA HIS A 382 2.08 -8.24 13.21
C HIS A 382 1.38 -8.63 14.51
N ILE A 383 1.22 -7.66 15.42
CA ILE A 383 0.46 -7.89 16.62
C ILE A 383 -0.96 -8.32 16.26
N THR A 384 -1.55 -9.15 17.10
CA THR A 384 -2.87 -9.69 16.87
C THR A 384 -3.48 -10.01 18.23
N PRO A 385 -4.81 -9.92 18.38
CA PRO A 385 -5.44 -10.20 19.68
C PRO A 385 -4.96 -11.47 20.37
N SER A 386 -4.50 -12.47 19.62
CA SER A 386 -4.06 -13.73 20.20
C SER A 386 -2.56 -13.97 20.04
N LYS A 387 -2.07 -13.97 18.81
CA LYS A 387 -0.69 -14.36 18.51
C LYS A 387 0.17 -13.13 18.25
N ILE A 388 1.41 -13.38 17.81
CA ILE A 388 2.32 -12.36 17.34
C ILE A 388 3.15 -12.95 16.22
N TYR A 389 3.11 -12.33 15.05
CA TYR A 389 3.75 -12.87 13.86
C TYR A 389 5.03 -12.11 13.54
N CYS A 390 6.05 -12.86 13.14
CA CYS A 390 7.30 -12.29 12.62
C CYS A 390 7.36 -12.59 11.13
N LEU A 391 7.68 -11.56 10.34
CA LEU A 391 7.52 -11.63 8.89
C LEU A 391 8.86 -11.75 8.15
N GLY A 392 9.96 -11.85 8.88
CA GLY A 392 11.25 -12.10 8.27
C GLY A 392 11.83 -10.84 7.64
N PRO A 393 13.13 -10.67 7.80
CA PRO A 393 13.78 -9.47 7.24
C PRO A 393 13.85 -9.50 5.72
N GLU A 394 13.05 -8.62 5.11
CA GLU A 394 12.95 -8.39 3.64
C GLU A 394 13.53 -7.02 3.30
N GLU A 395 12.89 -6.30 2.36
CA GLU A 395 13.48 -5.07 1.75
C GLU A 395 12.55 -3.86 1.97
N GLU A 396 13.11 -2.66 2.01
CA GLU A 396 12.36 -1.44 2.25
C GLU A 396 13.08 -0.24 1.64
N VAL A 397 12.31 0.81 1.38
CA VAL A 397 12.87 2.11 1.01
C VAL A 397 12.94 2.91 2.31
N SER A 398 14.10 2.85 2.97
CA SER A 398 14.24 3.39 4.31
C SER A 398 14.07 4.89 4.33
N ASN A 399 13.41 5.38 5.38
CA ASN A 399 13.25 6.81 5.61
C ASN A 399 14.50 7.41 6.20
N TYR A 400 14.43 8.65 6.68
CA TYR A 400 15.63 9.34 7.13
C TYR A 400 16.19 8.72 8.41
N VAL A 401 15.34 8.57 9.43
CA VAL A 401 15.83 8.12 10.75
C VAL A 401 16.46 6.73 10.64
N VAL A 402 15.70 5.76 10.13
CA VAL A 402 16.18 4.38 10.08
C VAL A 402 17.50 4.26 9.33
N LYS A 403 17.66 5.03 8.25
CA LYS A 403 18.93 5.01 7.55
C LYS A 403 20.01 5.79 8.30
N TYR A 404 19.62 6.70 9.18
CA TYR A 404 20.61 7.43 9.97
C TYR A 404 21.24 6.53 11.02
N HIS A 405 20.42 5.97 11.91
CA HIS A 405 20.90 5.01 12.91
C HIS A 405 21.11 3.66 12.22
N SER A 406 22.31 3.52 11.63
CA SER A 406 22.57 2.37 10.77
C SER A 406 22.76 1.10 11.57
N GLU A 407 23.70 1.11 12.52
CA GLU A 407 24.11 -0.12 13.19
C GLU A 407 22.97 -0.78 13.93
N TYR A 408 22.09 0.02 14.55
CA TYR A 408 21.00 -0.50 15.36
C TYR A 408 19.81 -0.95 14.53
N ALA A 409 19.99 -1.17 13.22
CA ALA A 409 18.91 -1.63 12.37
C ALA A 409 18.23 -2.88 12.91
N SER A 410 18.94 -3.69 13.70
CA SER A 410 18.33 -4.84 14.35
C SER A 410 17.44 -4.43 15.51
N ASP A 411 17.60 -3.22 16.03
CA ASP A 411 16.80 -2.72 17.13
C ASP A 411 15.54 -2.00 16.66
N PHE A 412 15.34 -1.86 15.36
CA PHE A 412 14.12 -1.28 14.81
C PHE A 412 13.12 -2.39 14.48
N ALA A 413 11.95 -2.00 14.01
CA ALA A 413 10.89 -2.93 13.63
C ALA A 413 9.83 -2.13 12.87
N ARG A 414 8.71 -2.79 12.55
CA ARG A 414 7.56 -2.10 11.99
C ARG A 414 6.32 -2.83 12.49
N VAL A 415 5.76 -2.34 13.58
CA VAL A 415 4.62 -2.98 14.22
C VAL A 415 3.33 -2.58 13.52
N THR A 416 2.38 -3.51 13.46
CA THR A 416 1.10 -3.27 12.82
C THR A 416 0.03 -3.98 13.61
N PHE A 417 -1.06 -3.27 13.92
CA PHE A 417 -2.15 -3.82 14.73
C PHE A 417 -3.25 -4.29 13.78
N VAL A 418 -3.23 -5.59 13.49
CA VAL A 418 -4.09 -6.18 12.47
C VAL A 418 -5.08 -7.11 13.14
N ASP A 419 -5.97 -7.71 12.37
CA ASP A 419 -6.90 -8.69 12.88
C ASP A 419 -6.27 -10.08 12.81
N GLU A 420 -7.06 -11.13 13.02
CA GLU A 420 -6.54 -12.48 12.87
C GLU A 420 -6.00 -12.70 11.47
N ASP A 421 -6.86 -12.55 10.47
CA ASP A 421 -6.38 -12.40 9.10
C ASP A 421 -5.84 -11.00 8.94
N TRP A 422 -4.72 -10.88 8.21
CA TRP A 422 -3.92 -9.66 8.27
C TRP A 422 -4.59 -8.49 7.56
N SER A 423 -5.70 -8.02 8.11
CA SER A 423 -6.41 -6.86 7.61
C SER A 423 -6.47 -5.79 8.70
N LYS A 424 -6.90 -4.60 8.32
CA LYS A 424 -7.00 -3.50 9.28
C LYS A 424 -8.11 -3.76 10.27
N LEU A 425 -7.97 -3.19 11.46
CA LEU A 425 -8.92 -3.41 12.56
C LEU A 425 -10.07 -2.42 12.44
N SER A 426 -11.26 -2.92 12.16
CA SER A 426 -12.41 -2.05 11.95
C SER A 426 -12.78 -1.33 13.25
N PRO A 427 -13.24 -0.08 13.16
CA PRO A 427 -13.70 0.62 14.37
C PRO A 427 -14.90 -0.03 15.04
N ASN A 428 -15.54 -0.99 14.39
CA ASN A 428 -16.62 -1.73 15.03
C ASN A 428 -16.11 -2.65 16.12
N ALA A 429 -14.83 -3.02 16.08
CA ALA A 429 -14.24 -3.94 17.05
C ALA A 429 -13.66 -3.24 18.27
N LEU A 430 -13.04 -2.07 18.09
CA LEU A 430 -12.42 -1.36 19.20
C LEU A 430 -13.43 -0.77 20.18
N SER A 431 -14.71 -0.68 19.81
CA SER A 431 -15.74 -0.17 20.70
C SER A 431 -17.10 -0.48 20.09
N ALA A 432 -18.06 -0.78 20.96
CA ALA A 432 -19.41 -1.10 20.50
C ALA A 432 -20.44 -0.75 21.56
N LYS A 441 -24.37 5.22 24.23
CA LYS A 441 -23.64 4.75 25.40
C LYS A 441 -22.64 3.64 25.03
N PRO A 442 -21.64 3.97 24.22
CA PRO A 442 -20.71 2.94 23.75
C PRO A 442 -19.72 2.53 24.81
N LEU A 443 -19.50 1.23 24.93
CA LEU A 443 -18.52 0.67 25.85
C LEU A 443 -17.36 0.06 25.07
N LYS A 444 -16.17 0.15 25.64
CA LYS A 444 -14.97 -0.35 24.99
C LYS A 444 -14.78 -1.84 25.27
N THR A 445 -14.10 -2.51 24.35
CA THR A 445 -13.87 -3.94 24.42
C THR A 445 -12.45 -4.21 24.90
N GLY A 446 -12.05 -5.49 24.86
CA GLY A 446 -10.74 -5.85 25.36
C GLY A 446 -9.60 -5.41 24.47
N LEU A 447 -9.85 -5.27 23.17
CA LEU A 447 -8.77 -4.96 22.24
C LEU A 447 -8.26 -3.54 22.43
N TYR A 448 -9.13 -2.61 22.81
CA TYR A 448 -8.71 -1.26 23.16
C TYR A 448 -7.61 -1.28 24.21
N HIS A 449 -7.90 -1.85 25.38
CA HIS A 449 -6.93 -1.92 26.45
C HIS A 449 -5.75 -2.80 26.09
N ARG A 450 -5.95 -3.82 25.26
CA ARG A 450 -4.83 -4.65 24.82
C ARG A 450 -3.81 -3.82 24.05
N ILE A 451 -4.29 -3.08 23.05
CA ILE A 451 -3.40 -2.22 22.26
C ILE A 451 -2.76 -1.16 23.15
N LEU A 452 -3.53 -0.59 24.08
CA LEU A 452 -2.98 0.43 24.95
C LEU A 452 -1.88 -0.12 25.83
N SER A 453 -2.07 -1.32 26.39
CA SER A 453 -1.06 -1.91 27.25
C SER A 453 0.16 -2.33 26.45
N ILE A 454 -0.03 -2.81 25.23
CA ILE A 454 1.10 -3.12 24.37
C ILE A 454 1.91 -1.87 24.09
N LEU A 455 1.23 -0.76 23.81
CA LEU A 455 1.94 0.49 23.55
C LEU A 455 2.67 0.99 24.79
N LYS A 456 2.03 0.89 25.95
CA LYS A 456 2.62 1.43 27.17
C LYS A 456 3.77 0.58 27.68
N GLU A 457 3.49 -0.68 27.99
CA GLU A 457 4.51 -1.55 28.61
C GLU A 457 5.56 -1.98 27.58
N GLY A 458 5.12 -2.72 26.56
CA GLY A 458 6.05 -3.24 25.57
C GLY A 458 6.04 -4.75 25.49
N PHE A 459 7.06 -5.33 24.87
CA PHE A 459 7.17 -6.77 24.76
C PHE A 459 8.62 -7.12 24.48
N CYS A 460 8.97 -8.37 24.75
CA CYS A 460 10.34 -8.85 24.58
C CYS A 460 10.37 -10.00 23.58
N ILE A 461 11.41 -9.98 22.74
CA ILE A 461 11.68 -11.06 21.79
C ILE A 461 13.17 -11.35 21.85
N GLY A 462 13.53 -12.57 22.25
CA GLY A 462 14.92 -12.90 22.50
C GLY A 462 15.55 -11.90 23.44
N PRO A 463 16.76 -11.46 23.13
CA PRO A 463 17.43 -10.41 23.91
C PRO A 463 17.08 -9.00 23.44
N LYS A 464 15.78 -8.74 23.24
CA LYS A 464 15.31 -7.45 22.75
C LYS A 464 13.95 -7.15 23.38
N LYS A 465 13.85 -6.02 24.07
CA LYS A 465 12.59 -5.54 24.64
C LYS A 465 12.23 -4.22 23.98
N TYR A 466 11.17 -4.21 23.19
CA TYR A 466 10.85 -3.08 22.32
C TYR A 466 10.02 -2.04 23.06
N GLU A 467 10.29 -0.76 22.76
CA GLU A 467 9.60 0.35 23.37
C GLU A 467 9.18 1.35 22.29
N PHE A 468 8.00 1.95 22.49
CA PHE A 468 7.43 2.91 21.55
C PHE A 468 8.44 3.97 21.14
N LEU A 469 8.44 4.33 19.86
CA LEU A 469 9.25 5.46 19.38
C LEU A 469 8.41 6.60 18.84
N ALA A 470 7.61 6.38 17.81
CA ALA A 470 6.86 7.45 17.13
C ALA A 470 5.94 6.81 16.10
N PHE A 471 5.28 7.65 15.30
CA PHE A 471 4.51 7.21 14.15
C PHE A 471 4.48 8.33 13.12
N SER A 472 4.50 7.97 11.85
CA SER A 472 4.77 8.90 10.76
C SER A 472 3.58 9.82 10.53
N ALA A 473 3.71 10.67 9.50
CA ALA A 473 2.54 11.33 8.94
C ALA A 473 1.57 10.31 8.38
N SER A 474 2.09 9.33 7.65
CA SER A 474 1.37 8.09 7.37
C SER A 474 1.49 7.20 8.61
N GLN A 475 1.10 5.94 8.49
CA GLN A 475 1.15 4.95 9.56
C GLN A 475 0.18 5.27 10.69
N LEU A 476 -0.49 6.42 10.64
CA LEU A 476 -1.60 6.72 11.53
C LEU A 476 -2.93 6.33 10.92
N ARG A 477 -3.06 6.49 9.60
CA ARG A 477 -4.14 5.88 8.84
C ARG A 477 -3.82 4.47 8.41
N GLY A 478 -2.53 4.08 8.45
CA GLY A 478 -2.10 2.74 8.13
C GLY A 478 -1.94 1.82 9.32
N ASN A 479 -2.21 2.32 10.53
CA ASN A 479 -2.18 1.51 11.76
C ASN A 479 -0.80 0.88 11.97
N SER A 480 0.20 1.74 12.18
CA SER A 480 1.55 1.27 12.34
C SER A 480 2.30 2.18 13.29
N VAL A 481 3.31 1.60 13.96
CA VAL A 481 4.17 2.30 14.90
C VAL A 481 5.57 1.76 14.75
N TRP A 482 6.57 2.62 14.91
CA TRP A 482 7.96 2.20 14.96
C TRP A 482 8.35 1.96 16.42
N MET A 483 9.02 0.84 16.66
CA MET A 483 9.43 0.45 18.00
C MET A 483 10.94 0.27 18.04
N PHE A 484 11.51 0.45 19.23
CA PHE A 484 12.96 0.37 19.40
C PHE A 484 13.26 -0.28 20.74
N ALA A 485 14.08 -1.32 20.71
CA ALA A 485 14.56 -1.96 21.93
C ALA A 485 15.67 -1.11 22.52
N SER A 486 15.38 -0.45 23.63
CA SER A 486 16.38 0.38 24.29
C SER A 486 17.57 -0.47 24.73
N ASN A 487 18.77 0.01 24.41
CA ASN A 487 19.99 -0.71 24.75
C ASN A 487 20.94 0.20 25.53
N SER A 488 22.17 -0.26 25.74
CA SER A 488 23.11 0.49 26.55
C SER A 488 23.43 1.85 25.94
N SER A 489 23.48 1.94 24.61
CA SER A 489 23.95 3.16 23.98
C SER A 489 22.82 4.13 23.68
N LEU A 490 21.82 3.71 22.91
CA LEU A 490 20.72 4.58 22.53
C LEU A 490 19.40 4.03 23.06
N THR A 491 18.43 4.94 23.21
CA THR A 491 17.08 4.58 23.64
C THR A 491 16.08 5.43 22.87
N ALA A 492 14.79 5.12 23.05
CA ALA A 492 13.75 5.84 22.31
C ALA A 492 13.72 7.32 22.70
N GLU A 493 13.97 7.63 23.97
CA GLU A 493 13.99 9.03 24.39
C GLU A 493 15.11 9.80 23.73
N ASN A 494 16.29 9.19 23.62
CA ASN A 494 17.40 9.84 22.92
C ASN A 494 17.04 10.13 21.48
N ILE A 495 16.34 9.20 20.83
CA ILE A 495 15.90 9.42 19.45
C ILE A 495 14.96 10.61 19.38
N ARG A 496 13.89 10.57 20.19
CA ARG A 496 12.89 11.63 20.16
C ARG A 496 13.43 12.98 20.58
N ARG A 497 14.54 13.05 21.31
CA ARG A 497 15.17 14.32 21.60
C ARG A 497 16.25 14.69 20.59
N TRP A 498 16.69 13.75 19.77
CA TRP A 498 17.55 14.09 18.64
C TRP A 498 16.75 14.62 17.47
N MET A 499 15.51 14.16 17.30
CA MET A 499 14.68 14.63 16.19
C MET A 499 14.43 16.13 16.30
N GLY A 500 13.77 16.56 17.37
CA GLY A 500 13.50 17.97 17.56
C GLY A 500 13.33 18.38 19.01
N HIS A 501 12.61 19.48 19.23
CA HIS A 501 12.33 20.00 20.57
C HIS A 501 10.81 20.10 20.71
N PHE A 502 10.24 19.26 21.56
CA PHE A 502 8.78 19.18 21.70
C PHE A 502 8.32 19.44 23.13
N GLU A 503 9.13 20.12 23.93
CA GLU A 503 8.81 20.36 25.33
C GLU A 503 7.88 21.55 25.53
N ASP A 504 7.56 22.30 24.47
CA ASP A 504 6.82 23.55 24.61
C ASP A 504 5.72 23.65 23.57
N ILE A 505 4.96 22.58 23.39
CA ILE A 505 3.87 22.54 22.42
C ILE A 505 2.60 22.08 23.13
N ARG A 506 1.50 22.76 22.85
CA ARG A 506 0.18 22.42 23.38
C ARG A 506 -0.63 21.76 22.26
N SER A 507 -1.89 21.45 22.56
CA SER A 507 -2.80 20.80 21.62
C SER A 507 -2.19 19.48 21.13
N VAL A 508 -2.11 18.54 22.07
CA VAL A 508 -1.29 17.33 21.98
C VAL A 508 -1.36 16.67 20.61
N SER A 509 -2.49 16.83 19.90
CA SER A 509 -2.60 16.27 18.57
C SER A 509 -1.58 16.88 17.62
N LYS A 510 -1.28 18.17 17.77
CA LYS A 510 -0.22 18.78 16.97
C LYS A 510 1.15 18.26 17.38
N CYS A 511 1.36 18.06 18.68
CA CYS A 511 2.64 17.51 19.14
C CYS A 511 2.85 16.10 18.62
N ALA A 512 1.75 15.38 18.37
CA ALA A 512 1.86 14.04 17.78
C ALA A 512 2.10 14.10 16.28
N ALA A 513 1.30 14.90 15.56
CA ALA A 513 1.41 14.98 14.11
C ALA A 513 2.78 15.49 13.70
N ARG A 514 3.23 16.61 14.28
CA ARG A 514 4.53 17.15 13.94
C ARG A 514 5.67 16.24 14.40
N MET A 515 5.42 15.34 15.35
CA MET A 515 6.47 14.43 15.80
C MET A 515 6.81 13.40 14.73
N GLY A 516 5.88 13.12 13.83
CA GLY A 516 6.12 12.17 12.75
C GLY A 516 6.41 12.82 11.42
N GLN A 517 7.21 13.90 11.43
CA GLN A 517 7.52 14.59 10.19
C GLN A 517 8.65 13.92 9.42
N LEU A 518 9.68 13.46 10.12
CA LEU A 518 10.85 12.86 9.47
C LEU A 518 10.71 11.35 9.28
N PHE A 519 9.50 10.81 9.44
CA PHE A 519 9.24 9.39 9.21
C PHE A 519 8.65 9.12 7.82
N SER A 520 9.05 9.90 6.82
CA SER A 520 8.56 9.74 5.45
C SER A 520 9.68 9.28 4.54
N SER A 521 9.38 8.33 3.66
CA SER A 521 10.36 7.78 2.75
C SER A 521 10.80 8.82 1.74
N SER A 522 12.10 8.82 1.42
CA SER A 522 12.66 9.84 0.55
C SER A 522 14.07 9.42 0.14
N ARG A 523 14.54 10.02 -0.95
CA ARG A 523 15.86 9.76 -1.52
C ARG A 523 16.76 10.93 -1.16
N GLN A 524 17.39 10.85 0.01
CA GLN A 524 18.18 11.96 0.54
C GLN A 524 19.20 12.45 -0.49
N THR A 525 19.42 13.77 -0.49
CA THR A 525 20.28 14.39 -1.49
C THR A 525 21.53 15.01 -0.89
N PHE A 526 21.40 15.95 0.04
CA PHE A 526 22.55 16.74 0.48
C PHE A 526 22.24 17.44 1.79
N GLU A 527 23.16 17.33 2.75
CA GLU A 527 23.12 18.15 3.96
C GLU A 527 23.89 19.43 3.66
N VAL A 528 23.15 20.46 3.24
CA VAL A 528 23.79 21.63 2.64
C VAL A 528 24.46 22.49 3.72
N SER A 529 23.67 23.12 4.58
CA SER A 529 24.19 24.05 5.58
C SER A 529 23.10 24.64 6.45
N SER A 530 23.51 25.49 7.39
CA SER A 530 22.64 26.47 8.01
C SER A 530 23.00 27.89 7.60
N TYR A 531 24.10 28.08 6.87
CA TYR A 531 24.48 29.41 6.39
C TYR A 531 24.18 29.62 4.90
N ASP A 532 24.24 28.56 4.09
CA ASP A 532 23.88 28.67 2.69
C ASP A 532 22.38 28.74 2.46
N VAL A 533 21.58 28.54 3.50
CA VAL A 533 20.14 28.69 3.41
C VAL A 533 19.75 30.00 4.08
N GLU A 534 19.64 31.07 3.28
CA GLU A 534 19.29 32.37 3.83
C GLU A 534 17.83 32.42 4.25
N VAL A 535 17.51 33.39 5.08
CA VAL A 535 16.14 33.62 5.55
C VAL A 535 15.70 34.95 4.99
N ILE A 536 15.09 34.92 3.81
CA ILE A 536 14.55 36.13 3.17
C ILE A 536 13.20 36.44 3.81
N PRO A 537 12.91 37.70 4.11
CA PRO A 537 11.62 38.02 4.73
C PRO A 537 10.45 37.62 3.84
N ASP A 538 9.38 37.15 4.48
CA ASP A 538 8.20 36.73 3.75
C ASP A 538 7.52 37.94 3.10
N ILE A 539 6.90 37.70 1.95
CA ILE A 539 6.17 38.72 1.22
C ILE A 539 4.74 38.69 1.76
N GLU A 540 4.52 39.39 2.86
CA GLU A 540 3.24 39.37 3.56
C GLU A 540 2.46 40.65 3.31
N VAL A 541 1.20 40.63 3.75
CA VAL A 541 0.32 41.79 3.71
C VAL A 541 -0.71 41.63 4.82
N THR A 542 -1.38 42.72 5.17
CA THR A 542 -2.40 42.72 6.20
C THR A 542 -3.64 43.45 5.68
N THR A 543 -4.81 42.89 5.95
CA THR A 543 -6.06 43.47 5.45
C THR A 543 -7.22 43.02 6.32
N ASP A 544 -7.98 43.99 6.82
CA ASP A 544 -9.21 43.76 7.57
C ASP A 544 -8.98 42.97 8.85
N GLY A 545 -7.79 43.10 9.45
CA GLY A 545 -7.47 42.43 10.69
C GLY A 545 -6.73 41.12 10.51
N THR A 546 -7.10 40.34 9.50
CA THR A 546 -6.44 39.07 9.23
C THR A 546 -5.31 39.28 8.22
N LYS A 547 -4.19 38.63 8.47
CA LYS A 547 -3.01 38.75 7.62
C LYS A 547 -2.96 37.58 6.66
N TYR A 548 -2.34 37.80 5.51
CA TYR A 548 -2.17 36.77 4.50
C TYR A 548 -0.67 36.64 4.22
N ILE A 549 -0.07 35.58 4.76
CA ILE A 549 1.37 35.38 4.62
C ILE A 549 1.79 35.10 3.19
N PHE A 550 0.83 34.89 2.28
CA PHE A 550 1.08 34.53 0.89
C PHE A 550 1.97 33.30 0.77
N SER A 551 2.09 32.51 1.83
CA SER A 551 3.08 31.42 1.84
C SER A 551 2.71 30.43 2.93
N ASP A 552 2.53 29.17 2.56
CA ASP A 552 2.76 28.07 3.48
C ASP A 552 4.17 27.52 3.33
N GLY A 553 4.93 28.06 2.38
CA GLY A 553 6.33 27.77 2.17
C GLY A 553 6.65 27.94 0.71
N ILE A 554 7.71 28.66 0.37
CA ILE A 554 8.03 28.88 -1.04
C ILE A 554 9.45 28.42 -1.35
N GLY A 555 10.42 29.04 -0.69
CA GLY A 555 11.82 28.76 -1.00
C GLY A 555 12.23 29.23 -2.38
N LYS A 556 13.53 29.37 -2.60
CA LYS A 556 14.04 29.82 -3.89
C LYS A 556 15.39 29.12 -4.12
N ILE A 557 15.36 27.99 -4.82
CA ILE A 557 16.56 27.22 -5.11
C ILE A 557 17.16 27.72 -6.42
N SER A 558 18.47 27.92 -6.43
CA SER A 558 19.16 28.24 -7.67
C SER A 558 19.07 27.06 -8.63
N THR A 559 19.16 27.37 -9.93
CA THR A 559 19.04 26.33 -10.94
C THR A 559 20.18 25.32 -10.85
N ARG A 560 21.38 25.77 -10.43
CA ARG A 560 22.47 24.83 -10.24
C ARG A 560 22.16 23.81 -9.16
N PHE A 561 21.31 24.15 -8.20
CA PHE A 561 20.94 23.19 -7.18
C PHE A 561 19.96 22.16 -7.73
N ALA A 562 19.04 22.57 -8.60
CA ALA A 562 18.20 21.59 -9.28
C ALA A 562 19.03 20.68 -10.17
N ARG A 563 20.08 21.23 -10.78
CA ARG A 563 21.00 20.41 -11.58
C ARG A 563 21.72 19.38 -10.70
N GLN A 564 22.24 19.83 -9.55
CA GLN A 564 22.89 18.91 -8.61
C GLN A 564 21.94 17.80 -8.19
N VAL A 565 20.76 18.18 -7.67
CA VAL A 565 19.79 17.18 -7.21
C VAL A 565 19.37 16.25 -8.33
N ALA A 566 19.39 16.73 -9.58
CA ALA A 566 18.87 15.93 -10.69
C ALA A 566 19.61 14.61 -10.83
N LYS A 567 20.91 14.58 -10.52
CA LYS A 567 21.67 13.34 -10.64
C LYS A 567 21.37 12.41 -9.48
N LEU A 568 21.39 12.93 -8.25
CA LEU A 568 21.24 12.09 -7.07
C LEU A 568 20.01 11.20 -7.11
N ILE A 569 18.95 11.63 -7.78
CA ILE A 569 17.79 10.77 -7.97
C ILE A 569 17.90 9.94 -9.24
N GLY A 570 18.77 10.32 -10.17
CA GLY A 570 18.93 9.61 -11.42
C GLY A 570 18.16 10.19 -12.59
N LEU A 571 17.90 11.49 -12.59
CA LEU A 571 17.22 12.15 -13.70
C LEU A 571 18.26 12.68 -14.69
N ASP A 572 17.82 13.51 -15.63
CA ASP A 572 18.72 14.11 -16.60
C ASP A 572 19.26 15.41 -16.05
N PRO A 573 20.56 15.53 -15.76
CA PRO A 573 21.08 16.79 -15.24
C PRO A 573 21.30 17.82 -16.34
N ALA A 574 20.33 17.95 -17.23
CA ALA A 574 20.33 19.00 -18.23
C ALA A 574 18.96 19.67 -18.26
N HIS A 575 17.93 18.88 -17.97
CA HIS A 575 16.55 19.36 -17.92
C HIS A 575 15.95 19.03 -16.55
N PRO A 576 16.43 19.69 -15.50
CA PRO A 576 15.88 19.42 -14.18
C PRO A 576 14.47 19.97 -14.05
N PRO A 577 13.65 19.39 -13.19
CA PRO A 577 12.28 19.89 -13.02
C PRO A 577 12.26 21.30 -12.47
N SER A 578 11.06 21.85 -12.38
CA SER A 578 10.85 23.22 -11.92
C SER A 578 10.61 23.33 -10.42
N ALA A 579 10.55 22.21 -9.70
CA ALA A 579 10.25 22.24 -8.27
C ALA A 579 10.67 20.93 -7.63
N PHE A 580 10.64 20.92 -6.31
CA PHE A 580 10.95 19.74 -5.51
C PHE A 580 10.19 19.84 -4.21
N GLN A 581 9.63 18.72 -3.74
CA GLN A 581 8.83 18.70 -2.52
C GLN A 581 9.77 18.42 -1.34
N ILE A 582 10.38 19.49 -0.83
CA ILE A 582 11.46 19.36 0.13
C ILE A 582 10.95 18.86 1.48
N ARG A 583 11.88 18.38 2.29
CA ARG A 583 11.72 18.24 3.73
C ARG A 583 13.06 18.60 4.33
N TYR A 584 13.07 19.58 5.24
CA TYR A 584 14.33 20.15 5.71
C TYR A 584 14.14 20.65 7.14
N GLY A 585 14.62 19.88 8.10
CA GLY A 585 14.62 20.27 9.49
C GLY A 585 13.24 20.62 10.03
N GLY A 586 13.04 21.89 10.37
CA GLY A 586 11.78 22.33 10.93
C GLY A 586 10.77 22.73 9.88
N TYR A 587 11.23 22.97 8.66
CA TYR A 587 10.38 23.46 7.59
C TYR A 587 9.90 22.30 6.72
N LYS A 588 8.85 22.56 5.95
CA LYS A 588 8.32 21.58 5.01
C LYS A 588 7.46 22.34 4.00
N GLY A 589 7.91 22.39 2.75
CA GLY A 589 7.18 23.10 1.71
C GLY A 589 7.90 23.09 0.38
N VAL A 590 7.14 23.04 -0.72
CA VAL A 590 7.76 22.90 -2.04
C VAL A 590 8.66 24.09 -2.34
N ILE A 591 9.85 23.79 -2.85
CA ILE A 591 10.80 24.83 -3.24
C ILE A 591 10.73 25.03 -4.74
N THR A 592 10.00 26.03 -5.18
CA THR A 592 9.93 26.36 -6.60
C THR A 592 11.30 26.81 -7.09
N ILE A 593 11.51 26.69 -8.39
CA ILE A 593 12.78 27.08 -9.00
C ILE A 593 12.73 28.57 -9.31
N ASP A 594 13.85 29.25 -9.07
CA ASP A 594 13.92 30.70 -9.38
C ASP A 594 15.33 31.02 -9.92
N PRO A 595 15.49 31.46 -11.19
CA PRO A 595 16.83 31.81 -11.68
C PRO A 595 17.45 33.00 -10.99
N THR A 596 16.65 33.89 -10.42
CA THR A 596 17.18 35.05 -9.69
C THR A 596 17.34 34.72 -8.21
N SER A 597 18.06 33.63 -7.95
CA SER A 597 18.31 33.16 -6.60
C SER A 597 19.78 33.41 -6.27
N PHE A 598 20.02 34.04 -5.11
CA PHE A 598 21.38 34.40 -4.74
C PHE A 598 22.18 33.16 -4.33
N PHE A 599 21.64 32.36 -3.42
CA PHE A 599 22.34 31.19 -2.91
C PHE A 599 21.47 29.94 -3.07
N ASN A 600 22.07 28.80 -2.74
CA ASN A 600 21.45 27.50 -3.02
C ASN A 600 20.12 27.30 -2.30
N LEU A 601 19.73 28.23 -1.42
CA LEU A 601 18.44 28.14 -0.76
C LEU A 601 18.06 29.52 -0.22
N SER A 602 16.76 29.72 -0.04
CA SER A 602 16.25 30.96 0.55
C SER A 602 14.90 30.62 1.18
N LEU A 603 14.89 30.44 2.50
CA LEU A 603 13.72 29.92 3.20
C LEU A 603 13.10 31.02 4.04
N ARG A 604 11.81 31.28 3.81
CA ARG A 604 11.13 32.22 4.67
C ARG A 604 10.31 31.48 5.72
N PRO A 605 10.24 31.97 6.95
CA PRO A 605 9.52 31.24 7.99
C PRO A 605 8.01 31.39 7.88
N SER A 606 7.36 30.37 7.35
CA SER A 606 5.90 30.32 7.35
C SER A 606 5.35 28.93 7.66
N MET A 607 6.20 27.92 7.83
CA MET A 607 5.76 26.56 8.13
C MET A 607 6.62 25.86 9.18
N LYS A 608 7.63 26.53 9.73
CA LYS A 608 8.55 25.89 10.67
C LYS A 608 7.80 25.38 11.88
N LYS A 609 7.73 24.05 12.02
CA LYS A 609 6.97 23.43 13.10
C LYS A 609 7.75 23.35 14.40
N PHE A 610 9.07 23.17 14.33
CA PHE A 610 9.90 23.13 15.53
C PHE A 610 11.29 23.61 15.17
N GLU A 611 12.04 23.99 16.20
CA GLU A 611 13.38 24.55 16.02
C GLU A 611 14.39 23.42 16.10
N SER A 612 14.15 22.39 15.29
CA SER A 612 15.03 21.23 15.23
C SER A 612 16.35 21.60 14.58
N LYS A 613 17.27 20.63 14.53
CA LYS A 613 18.55 20.81 13.86
C LYS A 613 18.76 19.80 12.75
N SER A 614 17.67 19.28 12.18
CA SER A 614 17.76 18.35 11.07
C SER A 614 18.10 19.09 9.77
N THR A 615 18.68 18.35 8.84
CA THR A 615 19.23 18.88 7.59
C THR A 615 19.06 17.78 6.54
N MET A 616 19.88 17.85 5.48
CA MET A 616 19.94 16.79 4.47
C MET A 616 18.59 16.65 3.75
N LEU A 617 18.33 17.65 2.91
CA LEU A 617 17.09 17.76 2.14
C LEU A 617 16.65 16.42 1.59
N ASN A 618 15.49 15.96 2.01
CA ASN A 618 14.89 14.77 1.43
C ASN A 618 14.21 15.17 0.13
N ILE A 619 13.53 14.23 -0.52
CA ILE A 619 12.77 14.50 -1.72
C ILE A 619 11.56 13.58 -1.72
N THR A 620 10.38 14.16 -1.92
CA THR A 620 9.15 13.39 -1.99
C THR A 620 8.46 13.44 -3.34
N ASN A 621 8.81 14.40 -4.20
CA ASN A 621 8.21 14.55 -5.51
C ASN A 621 8.98 15.64 -6.25
N TRP A 622 8.59 15.87 -7.50
CA TRP A 622 9.21 16.94 -8.29
C TRP A 622 8.22 17.40 -9.35
N SER A 623 8.53 18.54 -9.96
CA SER A 623 7.64 19.11 -10.97
C SER A 623 7.65 18.19 -12.19
N LYS A 624 6.61 17.38 -12.33
CA LYS A 624 6.57 16.31 -13.31
C LYS A 624 5.29 16.39 -14.11
N SER A 625 5.43 16.34 -15.43
CA SER A 625 4.26 16.37 -16.32
C SER A 625 3.56 15.03 -16.30
N GLN A 626 2.67 14.83 -15.34
CA GLN A 626 2.01 13.55 -15.22
C GLN A 626 0.86 13.42 -16.22
N PRO A 627 0.57 12.20 -16.67
CA PRO A 627 -0.56 12.01 -17.60
C PRO A 627 -1.90 11.99 -16.91
N CYS A 628 -2.48 13.17 -16.68
CA CYS A 628 -3.72 13.34 -15.94
C CYS A 628 -4.80 12.34 -16.34
N TYR A 629 -5.31 11.63 -15.35
CA TYR A 629 -6.49 10.78 -15.51
C TYR A 629 -7.38 10.98 -14.30
N VAL A 630 -8.69 10.85 -14.49
CA VAL A 630 -9.68 11.22 -13.50
C VAL A 630 -10.69 10.08 -13.35
N ASN A 631 -11.66 10.29 -12.46
CA ASN A 631 -12.57 9.23 -12.01
C ASN A 631 -13.94 9.86 -11.71
N ARG A 632 -14.78 9.13 -10.98
CA ARG A 632 -16.15 9.55 -10.73
C ARG A 632 -16.24 10.75 -9.77
N GLU A 633 -15.45 10.75 -8.69
CA GLU A 633 -15.48 11.87 -7.77
C GLU A 633 -15.04 13.16 -8.46
N ILE A 634 -14.05 13.07 -9.35
CA ILE A 634 -13.62 14.24 -10.10
C ILE A 634 -14.77 14.79 -10.93
N ILE A 635 -15.38 13.95 -11.77
CA ILE A 635 -16.45 14.42 -12.64
C ILE A 635 -17.53 15.07 -11.82
N SER A 636 -17.94 14.44 -10.72
CA SER A 636 -19.03 15.01 -9.93
C SER A 636 -18.63 16.37 -9.34
N LEU A 637 -17.64 16.38 -8.45
CA LEU A 637 -17.44 17.58 -7.62
C LEU A 637 -16.72 18.67 -8.39
N LEU A 638 -16.21 18.38 -9.59
CA LEU A 638 -15.62 19.43 -10.41
C LEU A 638 -16.48 19.81 -11.60
N SER A 639 -17.51 19.03 -11.92
CA SER A 639 -18.38 19.28 -13.06
C SER A 639 -19.81 19.53 -12.62
N THR A 640 -20.02 19.78 -11.32
CA THR A 640 -21.27 20.40 -10.92
C THR A 640 -21.45 21.76 -11.58
N LEU A 641 -20.43 22.30 -12.24
CA LEU A 641 -20.50 23.65 -12.76
C LEU A 641 -20.91 23.72 -14.24
N GLY A 642 -20.09 23.20 -15.15
CA GLY A 642 -20.39 23.39 -16.57
C GLY A 642 -19.94 22.35 -17.58
N ILE A 643 -19.63 21.13 -17.18
CA ILE A 643 -18.96 20.15 -18.05
C ILE A 643 -19.70 18.83 -17.93
N LYS A 644 -20.52 18.48 -18.93
CA LYS A 644 -21.57 17.50 -18.66
C LYS A 644 -21.18 16.02 -18.77
N ASP A 645 -21.05 15.48 -19.98
CA ASP A 645 -20.93 14.03 -20.07
C ASP A 645 -19.99 13.45 -21.13
N GLU A 646 -19.81 14.15 -22.25
CA GLU A 646 -19.13 13.52 -23.38
C GLU A 646 -17.63 13.46 -23.16
N VAL A 647 -17.08 14.48 -22.49
CA VAL A 647 -15.67 14.48 -22.07
C VAL A 647 -15.34 13.22 -21.29
N PHE A 648 -16.35 12.57 -20.71
CA PHE A 648 -16.15 11.40 -19.88
C PHE A 648 -16.73 10.13 -20.47
N GLU A 649 -17.47 10.22 -21.57
CA GLU A 649 -17.95 9.03 -22.27
C GLU A 649 -17.08 8.65 -23.47
N SER A 650 -16.62 9.64 -24.24
CA SER A 650 -15.99 9.36 -25.53
C SER A 650 -14.68 8.58 -25.35
N MET A 651 -13.82 9.05 -24.46
CA MET A 651 -12.52 8.41 -24.25
C MET A 651 -12.67 6.91 -24.00
N GLN A 652 -13.48 6.54 -23.02
CA GLN A 652 -13.69 5.13 -22.72
C GLN A 652 -14.32 4.42 -23.92
N GLN A 653 -15.53 4.86 -24.31
CA GLN A 653 -16.27 4.13 -25.33
C GLN A 653 -15.49 3.95 -26.62
N ASP A 654 -14.46 4.76 -26.87
CA ASP A 654 -13.64 4.55 -28.06
C ASP A 654 -12.39 3.72 -27.73
N ASP A 655 -11.52 4.23 -26.87
CA ASP A 655 -10.25 3.58 -26.61
C ASP A 655 -10.31 2.71 -25.35
N MET A 656 -11.37 1.89 -25.27
CA MET A 656 -11.34 0.75 -24.37
C MET A 656 -11.61 -0.57 -25.08
N HIS A 657 -11.94 -0.54 -26.37
CA HIS A 657 -12.22 -1.77 -27.10
C HIS A 657 -11.65 -1.81 -28.51
N GLU A 658 -10.86 -0.81 -28.90
CA GLU A 658 -10.29 -0.76 -30.23
C GLU A 658 -8.77 -0.81 -30.26
N SER A 659 -8.11 0.06 -29.50
CA SER A 659 -6.66 0.16 -29.59
C SER A 659 -5.95 -1.09 -29.07
N ASP A 660 -6.54 -1.76 -28.08
CA ASP A 660 -5.91 -2.92 -27.46
C ASP A 660 -6.02 -4.13 -28.40
N GLY A 661 -5.09 -4.17 -29.35
CA GLY A 661 -5.05 -5.23 -30.34
C GLY A 661 -3.91 -6.20 -30.15
N MET A 662 -4.22 -7.47 -29.89
CA MET A 662 -3.18 -8.48 -29.69
C MET A 662 -2.61 -8.96 -31.02
N LEU A 663 -3.41 -8.94 -32.08
CA LEU A 663 -3.00 -9.48 -33.37
C LEU A 663 -2.65 -8.40 -34.39
N THR A 664 -3.44 -7.32 -34.46
CA THR A 664 -3.32 -6.38 -35.56
C THR A 664 -1.94 -5.72 -35.60
N ASN A 665 -1.61 -4.94 -34.58
CA ASN A 665 -0.37 -4.16 -34.55
C ASN A 665 -0.32 -3.43 -33.21
N LYS A 666 0.82 -2.80 -32.95
CA LYS A 666 0.96 -1.87 -31.83
C LYS A 666 1.69 -0.63 -32.36
N GLU A 667 0.93 0.30 -32.92
CA GLU A 667 1.44 1.61 -33.33
C GLU A 667 1.08 2.70 -32.34
N ALA A 668 -0.19 2.81 -31.97
CA ALA A 668 -0.58 3.50 -30.74
C ALA A 668 -1.50 2.53 -29.99
N ALA A 669 -0.88 1.55 -29.35
CA ALA A 669 -1.52 0.74 -28.31
C ALA A 669 -0.65 0.54 -27.08
N LEU A 670 0.67 0.46 -27.24
CA LEU A 670 1.56 0.32 -26.10
C LEU A 670 1.52 1.58 -25.24
N SER A 671 1.41 2.75 -25.87
CA SER A 671 1.33 4.00 -25.10
C SER A 671 0.00 4.08 -24.35
N VAL A 672 -1.11 3.78 -25.04
CA VAL A 672 -2.42 3.81 -24.42
C VAL A 672 -2.57 2.74 -23.35
N LEU A 673 -1.73 1.71 -23.37
CA LEU A 673 -1.65 0.78 -22.25
C LEU A 673 -0.80 1.36 -21.12
N GLY A 674 0.38 1.86 -21.44
CA GLY A 674 1.27 2.42 -20.45
C GLY A 674 0.96 3.86 -20.08
N LYS A 675 -0.31 4.25 -20.25
CA LYS A 675 -0.78 5.50 -19.66
C LYS A 675 -0.50 5.55 -18.17
N ILE A 676 -0.47 4.40 -17.51
CA ILE A 676 -0.14 4.31 -16.10
C ILE A 676 1.30 3.84 -15.89
N GLY A 677 2.11 3.84 -16.96
CA GLY A 677 3.50 3.45 -16.87
C GLY A 677 3.91 2.41 -17.90
N GLY A 678 4.89 2.76 -18.74
CA GLY A 678 5.34 1.87 -19.78
C GLY A 678 6.51 0.98 -19.38
N GLY A 679 6.28 0.07 -18.42
CA GLY A 679 7.29 -0.88 -18.00
C GLY A 679 6.88 -2.33 -18.08
N ASP A 680 5.88 -2.68 -18.88
CA ASP A 680 5.32 -4.02 -18.87
C ASP A 680 5.72 -4.83 -20.11
N THR A 681 5.51 -4.27 -21.30
CA THR A 681 5.63 -5.01 -22.56
C THR A 681 6.62 -4.32 -23.49
N LYS A 682 7.77 -4.97 -23.72
CA LYS A 682 8.68 -4.60 -24.80
C LYS A 682 8.64 -5.55 -25.98
N THR A 683 7.98 -6.70 -25.83
CA THR A 683 7.79 -7.61 -26.95
C THR A 683 7.10 -6.91 -28.11
N ALA A 684 6.22 -5.95 -27.80
CA ALA A 684 5.55 -5.19 -28.85
C ALA A 684 6.47 -4.14 -29.44
N ALA A 685 7.18 -3.39 -28.60
CA ALA A 685 8.08 -2.36 -29.09
C ALA A 685 9.17 -2.94 -29.98
N ASP A 686 9.55 -4.18 -29.75
CA ASP A 686 10.55 -4.86 -30.58
C ASP A 686 9.92 -5.93 -31.47
N MET A 687 8.60 -6.01 -31.54
CA MET A 687 7.91 -7.01 -32.33
C MET A 687 8.17 -6.86 -33.83
N LEU A 688 8.34 -5.64 -34.33
CA LEU A 688 8.62 -5.40 -35.73
C LEU A 688 10.03 -4.87 -35.98
N LEU A 689 10.61 -4.15 -35.00
CA LEU A 689 12.02 -3.82 -35.09
C LEU A 689 12.87 -5.08 -35.18
N GLN A 690 12.47 -6.12 -34.47
CA GLN A 690 13.00 -7.46 -34.64
C GLN A 690 11.96 -8.32 -35.35
N GLY A 691 12.32 -9.57 -35.60
CA GLY A 691 11.38 -10.49 -36.24
C GLY A 691 10.19 -10.78 -35.35
N TYR A 692 9.10 -11.22 -36.01
CA TYR A 692 7.91 -11.63 -35.28
C TYR A 692 8.23 -12.79 -34.34
N GLU A 693 8.55 -13.94 -34.91
CA GLU A 693 8.98 -15.13 -34.19
C GLU A 693 9.49 -16.15 -35.20
N PRO A 694 10.54 -16.91 -34.88
CA PRO A 694 10.92 -18.01 -35.77
C PRO A 694 9.81 -19.05 -35.92
N SER A 695 9.03 -19.28 -34.87
CA SER A 695 7.83 -20.09 -34.96
C SER A 695 6.62 -19.19 -35.17
N SER A 696 5.43 -19.79 -35.08
CA SER A 696 4.18 -19.04 -35.28
C SER A 696 3.13 -19.44 -34.26
N GLU A 697 3.55 -19.80 -33.05
CA GLU A 697 2.61 -20.21 -32.03
C GLU A 697 1.66 -19.06 -31.66
N PRO A 698 0.39 -19.36 -31.39
CA PRO A 698 -0.55 -18.32 -30.97
C PRO A 698 -0.47 -17.93 -29.49
N TYR A 699 0.48 -18.46 -28.73
CA TYR A 699 0.46 -18.20 -27.30
C TYR A 699 1.15 -16.88 -26.95
N LEU A 700 2.00 -16.36 -27.84
CA LEU A 700 2.36 -14.95 -27.72
C LEU A 700 1.11 -14.07 -27.82
N LEU A 701 0.25 -14.37 -28.78
CA LEU A 701 -1.03 -13.66 -28.89
C LEU A 701 -1.89 -13.88 -27.65
N MET A 702 -1.80 -15.06 -27.04
CA MET A 702 -2.59 -15.31 -25.84
C MET A 702 -2.05 -14.55 -24.63
N ILE A 703 -0.73 -14.40 -24.52
CA ILE A 703 -0.16 -13.56 -23.48
C ILE A 703 -0.56 -12.10 -23.68
N LEU A 704 -0.56 -11.66 -24.95
CA LEU A 704 -1.04 -10.31 -25.25
C LEU A 704 -2.50 -10.15 -24.86
N LYS A 705 -3.32 -11.18 -25.10
CA LYS A 705 -4.72 -11.13 -24.69
C LYS A 705 -4.87 -11.15 -23.17
N ALA A 706 -3.95 -11.81 -22.46
CA ALA A 706 -3.98 -11.76 -21.00
C ALA A 706 -3.70 -10.35 -20.49
N HIS A 707 -2.68 -9.70 -21.06
CA HIS A 707 -2.41 -8.32 -20.67
C HIS A 707 -3.58 -7.41 -21.05
N ARG A 708 -4.23 -7.69 -22.19
CA ARG A 708 -5.44 -6.97 -22.56
C ARG A 708 -6.53 -7.15 -21.53
N ALA A 709 -6.74 -8.38 -21.06
CA ALA A 709 -7.73 -8.64 -20.03
C ALA A 709 -7.41 -7.83 -18.78
N ASN A 710 -6.15 -7.84 -18.34
CA ASN A 710 -5.73 -7.01 -17.21
C ASN A 710 -6.14 -5.56 -17.41
N ARG A 711 -5.75 -4.99 -18.56
CA ARG A 711 -5.96 -3.55 -18.78
C ARG A 711 -7.44 -3.21 -18.81
N LEU A 712 -8.22 -3.93 -19.63
CA LEU A 712 -9.65 -3.65 -19.71
C LEU A 712 -10.32 -3.83 -18.35
N THR A 713 -9.99 -4.89 -17.63
CA THR A 713 -10.62 -5.12 -16.34
C THR A 713 -10.35 -3.96 -15.39
N ASP A 714 -9.09 -3.55 -15.27
CA ASP A 714 -8.77 -2.50 -14.31
C ASP A 714 -9.40 -1.16 -14.72
N ILE A 715 -9.29 -0.80 -16.01
CA ILE A 715 -9.87 0.45 -16.49
C ILE A 715 -11.37 0.48 -16.24
N ARG A 716 -12.05 -0.62 -16.56
CA ARG A 716 -13.50 -0.67 -16.42
C ARG A 716 -13.91 -0.58 -14.95
N THR A 717 -13.31 -1.41 -14.10
CA THR A 717 -13.72 -1.43 -12.70
C THR A 717 -13.41 -0.12 -11.99
N ARG A 718 -12.29 0.54 -12.33
CA ARG A 718 -11.99 1.79 -11.65
C ARG A 718 -12.60 3.01 -12.33
N CYS A 719 -13.21 2.86 -13.49
CA CYS A 719 -13.88 3.95 -14.21
C CYS A 719 -12.91 5.12 -14.43
N LYS A 720 -11.87 4.84 -15.22
CA LYS A 720 -10.77 5.76 -15.43
C LYS A 720 -10.99 6.55 -16.72
N ILE A 721 -10.99 7.88 -16.61
CA ILE A 721 -11.16 8.78 -17.74
C ILE A 721 -10.09 9.86 -17.65
N HIS A 722 -10.12 10.78 -18.62
CA HIS A 722 -8.98 11.66 -18.86
C HIS A 722 -9.39 12.78 -19.81
N VAL A 723 -8.82 13.96 -19.58
CA VAL A 723 -9.00 15.11 -20.47
C VAL A 723 -7.68 15.34 -21.21
N GLN A 724 -7.77 15.82 -22.45
CA GLN A 724 -6.65 15.71 -23.36
C GLN A 724 -5.56 16.75 -23.06
N LYS A 725 -5.91 18.03 -23.13
CA LYS A 725 -4.92 19.10 -23.10
C LYS A 725 -4.78 19.65 -21.68
N GLY A 726 -4.03 18.92 -20.86
CA GLY A 726 -3.78 19.36 -19.50
C GLY A 726 -2.82 18.43 -18.79
N ARG A 727 -2.23 18.95 -17.72
CA ARG A 727 -1.27 18.21 -16.91
C ARG A 727 -1.62 18.36 -15.43
N VAL A 728 -0.77 17.81 -14.57
CA VAL A 728 -1.03 17.74 -13.13
C VAL A 728 0.11 18.45 -12.39
N LEU A 729 0.60 19.54 -12.97
CA LEU A 729 1.81 20.18 -12.48
C LEU A 729 1.64 20.64 -11.03
N ILE A 730 2.78 20.78 -10.35
CA ILE A 730 2.84 21.23 -8.96
C ILE A 730 2.57 22.73 -8.91
N GLY A 731 2.34 23.25 -7.70
CA GLY A 731 2.05 24.67 -7.54
C GLY A 731 3.29 25.54 -7.50
N CYS A 732 3.15 26.76 -8.01
CA CYS A 732 4.26 27.68 -8.20
C CYS A 732 3.80 29.06 -7.72
N LEU A 733 4.70 30.05 -7.79
CA LEU A 733 4.35 31.39 -7.35
C LEU A 733 5.32 32.40 -7.94
N ASP A 734 4.79 33.57 -8.30
CA ASP A 734 5.57 34.61 -8.97
C ASP A 734 6.56 35.26 -8.00
N GLU A 735 7.58 35.90 -8.58
CA GLU A 735 8.54 36.67 -7.80
C GLU A 735 8.78 38.08 -8.32
N THR A 736 8.58 38.34 -9.61
CA THR A 736 8.99 39.61 -10.20
C THR A 736 7.91 40.68 -10.14
N CYS A 737 6.70 40.34 -9.71
CA CYS A 737 5.60 41.29 -9.56
C CYS A 737 5.32 42.01 -10.89
N LYS A 738 4.95 41.19 -11.88
CA LYS A 738 4.59 41.70 -13.20
C LYS A 738 3.22 41.20 -13.64
N LEU A 739 2.41 40.72 -12.69
CA LEU A 739 1.08 40.19 -12.98
C LEU A 739 0.18 40.59 -11.82
N GLU A 740 -0.85 41.38 -12.12
CA GLU A 740 -1.71 41.92 -11.09
C GLU A 740 -2.99 41.10 -10.90
N TYR A 741 -2.95 40.15 -9.97
CA TYR A 741 -4.16 39.52 -9.43
C TYR A 741 -5.02 38.89 -10.51
N GLY A 742 -4.50 37.81 -11.08
CA GLY A 742 -5.28 37.07 -12.06
C GLY A 742 -4.56 36.58 -13.29
N GLN A 743 -3.24 36.72 -13.33
CA GLN A 743 -2.45 36.28 -14.46
C GLN A 743 -1.58 35.10 -14.06
N VAL A 744 -1.53 34.09 -14.93
CA VAL A 744 -0.85 32.83 -14.67
C VAL A 744 0.07 32.55 -15.86
N TYR A 745 0.76 31.41 -15.83
CA TYR A 745 1.73 31.04 -16.85
C TYR A 745 1.96 29.54 -16.77
N ILE A 746 2.06 28.87 -17.93
CA ILE A 746 2.06 27.41 -17.94
C ILE A 746 3.34 26.85 -18.54
N ARG A 747 3.58 27.09 -19.84
CA ARG A 747 4.74 26.57 -20.55
C ARG A 747 4.90 25.06 -20.36
N ILE A 748 3.94 24.33 -20.90
CA ILE A 748 3.92 22.87 -20.76
C ILE A 748 4.67 22.24 -21.93
N THR A 749 5.28 21.09 -21.68
CA THR A 749 6.00 20.33 -22.70
C THR A 749 5.04 19.40 -23.44
N LYS A 750 5.52 18.86 -24.57
CA LYS A 750 4.69 18.13 -25.51
C LYS A 750 4.87 16.62 -25.37
N ASN A 751 3.79 15.89 -25.69
CA ASN A 751 3.82 14.45 -25.82
C ASN A 751 3.76 14.10 -27.32
N HIS A 752 3.64 12.80 -27.61
CA HIS A 752 3.68 12.36 -29.01
C HIS A 752 2.48 12.89 -29.79
N LYS A 753 1.28 12.81 -29.21
CA LYS A 753 0.10 13.35 -29.85
C LYS A 753 0.20 14.85 -30.06
N GLU A 754 1.04 15.53 -29.28
CA GLU A 754 1.32 16.94 -29.50
C GLU A 754 2.51 17.15 -30.42
N GLN A 755 3.53 16.29 -30.33
CA GLN A 755 4.69 16.42 -31.21
C GLN A 755 4.28 16.26 -32.67
N LYS A 756 3.75 15.08 -33.02
CA LYS A 756 3.11 14.91 -34.32
C LYS A 756 1.71 15.50 -34.26
N TYR A 757 1.28 16.11 -35.37
CA TYR A 757 0.01 16.84 -35.43
C TYR A 757 -0.01 17.95 -34.38
N SER A 758 0.88 18.92 -34.61
CA SER A 758 1.06 20.06 -33.71
C SER A 758 0.41 21.29 -34.34
N GLU A 759 -0.90 21.43 -34.14
CA GLU A 759 -1.61 22.65 -34.56
C GLU A 759 -2.84 22.79 -33.68
N GLN A 760 -2.76 23.66 -32.67
CA GLN A 760 -3.87 23.98 -31.79
C GLN A 760 -3.94 25.48 -31.58
N PRO A 761 -5.13 26.02 -31.35
CA PRO A 761 -5.27 27.48 -31.22
C PRO A 761 -4.66 28.06 -29.95
N PHE A 762 -4.89 27.40 -28.80
CA PHE A 762 -4.46 27.95 -27.52
C PHE A 762 -2.95 27.98 -27.36
N PHE A 763 -2.21 27.24 -28.17
CA PHE A 763 -0.75 27.26 -28.09
C PHE A 763 -0.21 28.64 -28.44
N CYS A 764 0.98 28.93 -27.96
CA CYS A 764 1.59 30.24 -28.16
C CYS A 764 2.93 30.17 -28.88
N ASN A 765 3.79 29.23 -28.52
CA ASN A 765 5.14 29.16 -29.07
C ASN A 765 5.40 27.89 -29.87
N ASP A 766 5.16 26.73 -29.27
CA ASP A 766 5.48 25.43 -29.88
C ASP A 766 6.92 25.40 -30.36
N ASP A 767 7.83 25.84 -29.49
CA ASP A 767 9.26 25.86 -29.79
C ASP A 767 9.81 24.44 -29.65
N GLY A 768 9.44 23.60 -30.61
CA GLY A 768 9.85 22.20 -30.55
C GLY A 768 8.85 21.35 -29.81
N LYS A 769 9.13 21.09 -28.53
CA LYS A 769 8.33 20.20 -27.70
C LYS A 769 7.72 20.91 -26.50
N THR A 770 7.64 22.24 -26.53
CA THR A 770 7.09 23.03 -25.44
C THR A 770 6.10 24.04 -26.01
N ALA A 771 4.89 24.07 -25.47
CA ALA A 771 3.80 24.88 -26.01
C ALA A 771 3.15 25.69 -24.89
N VAL A 772 3.43 27.00 -24.87
CA VAL A 772 2.82 27.88 -23.87
C VAL A 772 1.31 27.91 -24.05
N ILE A 773 0.62 28.34 -22.99
CA ILE A 773 -0.83 28.46 -22.97
C ILE A 773 -1.20 29.94 -22.92
N VAL A 774 -2.30 30.30 -23.58
CA VAL A 774 -2.74 31.69 -23.68
C VAL A 774 -4.14 31.89 -23.10
N GLY A 775 -5.08 31.02 -23.43
CA GLY A 775 -6.46 31.23 -23.04
C GLY A 775 -6.70 31.07 -21.55
N LYS A 776 -7.95 31.26 -21.15
CA LYS A 776 -8.33 31.16 -19.75
C LYS A 776 -8.15 29.74 -19.23
N VAL A 777 -7.66 29.64 -18.00
CA VAL A 777 -7.34 28.35 -17.40
C VAL A 777 -8.13 28.17 -16.11
N ALA A 778 -7.92 27.05 -15.43
CA ALA A 778 -8.62 26.76 -14.18
C ALA A 778 -7.74 25.90 -13.29
N ILE A 779 -7.55 26.34 -12.04
CA ILE A 779 -6.69 25.66 -11.09
C ILE A 779 -7.50 25.32 -9.85
N THR A 780 -7.20 24.15 -9.27
CA THR A 780 -7.81 23.72 -8.01
C THR A 780 -6.91 22.64 -7.40
N LYS A 781 -7.33 22.09 -6.26
CA LYS A 781 -6.56 21.06 -5.58
C LYS A 781 -7.52 19.96 -5.14
N ASN A 782 -7.12 18.71 -5.33
CA ASN A 782 -8.05 17.58 -5.26
C ASN A 782 -8.88 17.52 -3.97
N PRO A 783 -8.30 17.63 -2.76
CA PRO A 783 -9.15 17.60 -1.55
C PRO A 783 -9.82 18.94 -1.28
N CYS A 784 -10.67 19.38 -2.20
CA CYS A 784 -11.39 20.64 -2.09
C CYS A 784 -12.89 20.40 -2.14
N LEU A 785 -13.61 21.07 -1.25
CA LEU A 785 -15.07 20.98 -1.20
C LEU A 785 -15.77 22.33 -1.21
N HIS A 786 -15.20 23.34 -0.56
CA HIS A 786 -15.86 24.63 -0.45
C HIS A 786 -15.94 25.28 -1.83
N PRO A 787 -17.11 25.78 -2.24
CA PRO A 787 -17.24 26.38 -3.58
C PRO A 787 -16.22 27.48 -3.82
N GLY A 788 -16.01 27.77 -5.09
CA GLY A 788 -14.99 28.71 -5.48
C GLY A 788 -13.58 28.16 -5.46
N ASP A 789 -13.41 26.85 -5.26
CA ASP A 789 -12.08 26.26 -5.29
C ASP A 789 -11.38 26.52 -6.62
N VAL A 790 -12.06 26.24 -7.72
CA VAL A 790 -11.51 26.55 -9.04
C VAL A 790 -11.38 28.05 -9.19
N ARG A 791 -10.24 28.50 -9.71
CA ARG A 791 -9.97 29.92 -9.89
C ARG A 791 -9.67 30.18 -11.36
N VAL A 792 -10.47 31.05 -11.98
CA VAL A 792 -10.33 31.39 -13.38
C VAL A 792 -9.36 32.55 -13.51
N LEU A 793 -8.22 32.30 -14.16
CA LEU A 793 -7.20 33.31 -14.38
C LEU A 793 -7.00 33.51 -15.87
N GLU A 794 -6.28 34.56 -16.22
CA GLU A 794 -6.01 34.92 -17.61
C GLU A 794 -4.55 34.61 -17.88
N ALA A 795 -4.30 33.46 -18.49
CA ALA A 795 -2.94 33.10 -18.90
C ALA A 795 -2.39 34.15 -19.84
N VAL A 796 -1.11 34.47 -19.67
CA VAL A 796 -0.45 35.49 -20.46
C VAL A 796 0.92 34.97 -20.91
N TYR A 797 1.48 35.62 -21.92
CA TYR A 797 2.85 35.37 -22.32
C TYR A 797 3.77 36.40 -21.68
N ASP A 798 3.89 36.28 -20.36
CA ASP A 798 4.77 37.15 -19.60
C ASP A 798 6.20 36.91 -20.08
N PRO A 799 6.84 37.92 -20.67
CA PRO A 799 8.18 37.67 -21.22
C PRO A 799 9.22 37.33 -20.17
N GLY A 800 9.10 37.88 -18.95
CA GLY A 800 10.02 37.51 -17.90
C GLY A 800 9.82 36.09 -17.42
N LEU A 801 8.56 35.69 -17.22
CA LEU A 801 8.26 34.33 -16.81
C LEU A 801 8.73 33.32 -17.87
N ASP A 802 8.78 33.74 -19.14
CA ASP A 802 9.32 32.87 -20.18
C ASP A 802 10.84 32.87 -20.14
N ALA A 803 11.45 34.03 -19.93
CA ALA A 803 12.90 34.11 -19.89
C ALA A 803 13.48 33.32 -18.72
N ARG A 804 12.71 33.16 -17.64
CA ARG A 804 13.20 32.46 -16.46
C ARG A 804 12.99 30.95 -16.53
N GLY A 805 12.80 30.40 -17.73
CA GLY A 805 12.75 28.96 -17.91
C GLY A 805 11.70 28.23 -17.10
N LEU A 806 10.60 28.89 -16.76
CA LEU A 806 9.52 28.22 -16.05
C LEU A 806 8.89 27.17 -16.94
N ILE A 807 8.76 25.95 -16.42
CA ILE A 807 8.13 24.86 -17.16
C ILE A 807 7.56 23.85 -16.18
N ASP A 808 6.26 23.54 -16.35
CA ASP A 808 5.56 22.55 -15.54
C ASP A 808 5.26 23.01 -14.12
N CYS A 809 5.04 24.31 -13.91
CA CYS A 809 4.48 24.80 -12.66
C CYS A 809 3.61 26.02 -12.95
N VAL A 810 2.47 26.07 -12.29
CA VAL A 810 1.52 27.17 -12.46
C VAL A 810 1.85 28.29 -11.48
N VAL A 811 2.21 29.44 -12.03
CA VAL A 811 2.64 30.58 -11.22
C VAL A 811 1.44 31.37 -10.75
N PHE A 812 1.42 31.70 -9.47
CA PHE A 812 0.30 32.37 -8.82
C PHE A 812 0.66 33.80 -8.47
N PRO A 813 -0.33 34.65 -8.20
CA PRO A 813 -0.04 36.05 -7.90
C PRO A 813 0.44 36.27 -6.48
N GLN A 814 1.10 37.42 -6.29
CA GLN A 814 1.62 37.80 -4.99
C GLN A 814 1.18 39.19 -4.54
N ARG A 815 0.33 39.86 -5.31
CA ARG A 815 -0.12 41.20 -5.00
C ARG A 815 -1.65 41.25 -5.04
N GLY A 816 -2.20 42.28 -4.40
CA GLY A 816 -3.64 42.50 -4.48
C GLY A 816 -4.40 42.26 -3.19
N GLU A 817 -5.12 41.15 -3.13
CA GLU A 817 -6.06 40.87 -2.06
C GLU A 817 -5.89 39.41 -1.66
N ARG A 818 -6.89 38.85 -0.98
CA ARG A 818 -6.90 37.48 -0.49
C ARG A 818 -6.37 36.53 -1.55
N PRO A 819 -5.22 35.89 -1.30
CA PRO A 819 -4.53 35.17 -2.36
C PRO A 819 -5.36 34.05 -2.96
N HIS A 820 -5.12 33.79 -4.25
CA HIS A 820 -5.81 32.69 -4.92
C HIS A 820 -5.50 31.32 -4.34
N PRO A 821 -4.25 30.98 -3.99
CA PRO A 821 -4.03 29.66 -3.37
C PRO A 821 -4.87 29.44 -2.12
N ASN A 822 -5.00 30.45 -1.26
CA ASN A 822 -5.87 30.32 -0.10
C ASN A 822 -7.33 30.23 -0.49
N GLU A 823 -7.67 30.70 -1.70
CA GLU A 823 -9.05 30.65 -2.15
C GLU A 823 -9.50 29.24 -2.53
N CYS A 824 -8.56 28.32 -2.75
CA CYS A 824 -8.97 27.00 -3.23
C CYS A 824 -9.65 26.21 -2.12
N SER A 825 -8.90 25.79 -1.10
CA SER A 825 -9.50 25.43 0.19
C SER A 825 -8.87 26.22 1.33
N GLY A 826 -7.59 25.98 1.64
CA GLY A 826 -6.82 26.84 2.51
C GLY A 826 -5.33 26.75 2.25
N GLY A 827 -4.93 26.00 1.22
CA GLY A 827 -3.54 25.63 1.07
C GLY A 827 -2.76 26.50 0.12
N ASP A 828 -1.75 27.21 0.63
CA ASP A 828 -1.01 28.13 -0.23
C ASP A 828 0.08 27.42 -1.02
N LEU A 829 1.12 26.93 -0.34
CA LEU A 829 2.26 26.33 -1.02
C LEU A 829 3.01 25.47 -0.01
N ASP A 830 2.80 24.15 -0.08
CA ASP A 830 3.57 23.24 0.75
C ASP A 830 4.07 22.01 0.02
N GLY A 831 3.65 21.79 -1.23
CA GLY A 831 4.00 20.58 -1.94
C GLY A 831 2.77 19.84 -2.40
N ASP A 832 1.66 20.57 -2.57
CA ASP A 832 0.38 19.99 -2.91
C ASP A 832 0.16 20.03 -4.42
N LEU A 833 -0.77 19.19 -4.88
CA LEU A 833 -1.07 19.07 -6.29
C LEU A 833 -2.12 20.09 -6.70
N PHE A 834 -1.96 20.66 -7.90
CA PHE A 834 -2.89 21.62 -8.46
C PHE A 834 -3.29 21.15 -9.85
N PHE A 835 -4.48 20.56 -9.96
CA PHE A 835 -4.98 20.10 -11.25
C PHE A 835 -5.17 21.26 -12.21
N ILE A 836 -4.46 21.23 -13.32
CA ILE A 836 -4.53 22.26 -14.34
C ILE A 836 -5.11 21.65 -15.61
N THR A 837 -5.90 22.45 -16.34
CA THR A 837 -6.46 22.01 -17.61
C THR A 837 -6.84 23.24 -18.41
N TRP A 838 -6.11 23.48 -19.51
CA TRP A 838 -6.39 24.60 -20.38
C TRP A 838 -7.39 24.26 -21.48
N ASP A 839 -8.04 23.10 -21.39
CA ASP A 839 -9.02 22.71 -22.39
C ASP A 839 -10.18 23.70 -22.41
N ASP A 840 -10.33 24.46 -23.50
CA ASP A 840 -11.34 25.49 -23.59
C ASP A 840 -12.75 24.97 -23.37
N LYS A 841 -12.93 23.65 -23.35
CA LYS A 841 -14.21 23.08 -22.98
C LYS A 841 -14.37 22.95 -21.47
N LEU A 842 -13.26 22.74 -20.75
CA LEU A 842 -13.27 22.53 -19.31
C LEU A 842 -12.81 23.78 -18.55
N ILE A 843 -13.16 24.95 -19.06
CA ILE A 843 -12.91 26.21 -18.37
C ILE A 843 -14.24 26.66 -17.76
N PRO A 844 -14.27 27.07 -16.49
CA PRO A 844 -15.54 27.40 -15.86
C PRO A 844 -16.14 28.67 -16.44
N GLU A 845 -17.45 28.82 -16.23
CA GLU A 845 -18.14 30.01 -16.69
C GLU A 845 -17.81 31.21 -15.81
N LYS A 846 -17.83 31.03 -14.49
CA LYS A 846 -17.40 32.06 -13.56
C LYS A 846 -17.20 31.42 -12.20
N VAL A 847 -16.39 32.05 -11.36
CA VAL A 847 -16.09 31.51 -10.04
C VAL A 847 -17.33 31.59 -9.17
N ASP A 848 -17.70 30.45 -8.56
CA ASP A 848 -18.92 30.32 -7.77
C ASP A 848 -18.71 30.92 -6.39
N ALA A 849 -19.03 32.21 -6.27
CA ALA A 849 -19.00 32.94 -5.00
C ALA A 849 -17.65 32.79 -4.29
N PRO A 850 -16.61 33.47 -4.75
CA PRO A 850 -15.32 33.41 -4.04
C PRO A 850 -15.38 34.10 -2.70
N MET A 851 -16.04 33.44 -1.74
CA MET A 851 -16.21 34.00 -0.40
C MET A 851 -14.85 34.37 0.20
N ASP A 852 -14.83 35.47 0.94
CA ASP A 852 -13.60 36.00 1.51
C ASP A 852 -13.53 35.73 3.01
N PRO A 858 -8.47 26.87 21.10
CA PRO A 858 -9.78 26.27 21.43
C PRO A 858 -9.65 24.91 22.10
N ARG A 859 -8.41 24.45 22.29
CA ARG A 859 -8.18 23.13 22.89
C ARG A 859 -6.84 23.18 23.59
N ILE A 860 -6.85 23.37 24.91
CA ILE A 860 -5.64 23.54 25.70
C ILE A 860 -5.65 22.54 26.86
N MET A 861 -4.46 22.17 27.31
CA MET A 861 -4.30 21.28 28.45
C MET A 861 -3.43 21.86 29.55
N ASP A 862 -2.93 23.09 29.41
CA ASP A 862 -2.24 23.85 30.46
C ASP A 862 -1.12 23.06 31.14
N HIS A 863 -0.39 22.28 30.34
CA HIS A 863 0.82 21.61 30.79
C HIS A 863 1.52 21.04 29.56
N ALA A 864 2.66 20.40 29.78
CA ALA A 864 3.43 19.82 28.69
C ALA A 864 2.76 18.55 28.19
N VAL A 865 3.42 17.88 27.26
CA VAL A 865 2.87 16.69 26.61
C VAL A 865 3.38 15.44 27.31
N THR A 866 2.59 14.37 27.22
CA THR A 866 2.94 13.08 27.81
C THR A 866 2.62 11.98 26.82
N LEU A 867 3.40 10.89 26.89
CA LEU A 867 3.26 9.81 25.92
C LEU A 867 1.90 9.13 26.05
N GLU A 868 1.35 9.06 27.25
CA GLU A 868 0.04 8.44 27.44
C GLU A 868 -1.03 9.17 26.63
N GLU A 869 -0.94 10.50 26.56
CA GLU A 869 -1.93 11.26 25.79
C GLU A 869 -1.76 11.04 24.29
N ILE A 870 -0.51 10.98 23.81
CA ILE A 870 -0.26 10.73 22.40
C ILE A 870 -0.79 9.35 22.00
N GLN A 871 -0.54 8.34 22.84
CA GLN A 871 -1.01 7.01 22.51
C GLN A 871 -2.52 6.90 22.65
N LYS A 872 -3.12 7.63 23.60
CA LYS A 872 -4.57 7.68 23.68
C LYS A 872 -5.17 8.26 22.41
N HIS A 873 -4.59 9.36 21.92
CA HIS A 873 -5.06 9.95 20.67
C HIS A 873 -4.88 8.98 19.50
N PHE A 874 -3.76 8.26 19.48
CA PHE A 874 -3.50 7.30 18.41
C PHE A 874 -4.56 6.20 18.39
N VAL A 875 -4.82 5.58 19.54
CA VAL A 875 -5.85 4.56 19.60
C VAL A 875 -7.25 5.16 19.44
N SER A 876 -7.38 6.49 19.63
CA SER A 876 -8.68 7.13 19.45
C SER A 876 -9.02 7.31 17.98
N TYR A 877 -8.05 7.73 17.16
CA TYR A 877 -8.33 7.90 15.74
C TYR A 877 -8.77 6.60 15.09
N MET A 878 -8.35 5.45 15.63
CA MET A 878 -8.76 4.17 15.06
C MET A 878 -10.26 3.93 15.15
N ILE A 879 -11.00 4.77 15.87
CA ILE A 879 -12.43 4.63 16.00
C ILE A 879 -13.17 5.90 15.58
N ASN A 880 -12.46 6.94 15.15
CA ASN A 880 -13.04 8.24 14.85
C ASN A 880 -12.53 8.74 13.50
N ASP A 881 -12.64 7.90 12.47
CA ASP A 881 -12.18 8.27 11.14
C ASP A 881 -12.92 9.51 10.65
N THR A 882 -12.20 10.38 9.95
CA THR A 882 -12.68 11.70 9.56
C THR A 882 -12.92 11.84 8.06
N LEU A 883 -12.03 11.31 7.21
CA LEU A 883 -12.20 11.42 5.78
C LEU A 883 -13.51 10.80 5.30
N GLY A 884 -13.99 9.74 5.97
CA GLY A 884 -15.27 9.18 5.62
C GLY A 884 -16.41 10.16 5.83
N ALA A 885 -16.30 11.01 6.83
CA ALA A 885 -17.32 12.02 7.08
C ALA A 885 -17.49 12.94 5.88
N ILE A 886 -16.40 13.62 5.49
CA ILE A 886 -16.47 14.54 4.37
C ILE A 886 -16.88 13.79 3.10
N SER A 887 -16.31 12.61 2.87
CA SER A 887 -16.62 11.84 1.66
C SER A 887 -18.11 11.56 1.55
N THR A 888 -18.69 10.91 2.56
CA THR A 888 -20.06 10.45 2.47
C THR A 888 -21.05 11.62 2.54
N ALA A 889 -20.78 12.60 3.39
CA ALA A 889 -21.68 13.75 3.50
C ALA A 889 -21.69 14.55 2.20
N HIS A 890 -20.53 14.67 1.54
CA HIS A 890 -20.49 15.35 0.26
C HIS A 890 -21.19 14.53 -0.81
N LEU A 891 -20.96 13.21 -0.82
CA LEU A 891 -21.69 12.33 -1.72
C LEU A 891 -23.19 12.63 -1.66
N ILE A 892 -23.76 12.51 -0.46
CA ILE A 892 -25.19 12.78 -0.29
C ILE A 892 -25.52 14.18 -0.80
N HIS A 893 -24.90 15.20 -0.19
CA HIS A 893 -25.36 16.58 -0.34
C HIS A 893 -25.06 17.17 -1.72
N ALA A 894 -24.25 16.51 -2.53
CA ALA A 894 -24.00 17.00 -3.89
C ALA A 894 -24.58 16.10 -4.97
N ASP A 895 -24.31 14.78 -4.92
CA ASP A 895 -24.85 13.91 -5.95
C ASP A 895 -26.32 13.63 -5.73
N ARG A 896 -26.71 13.22 -4.51
CA ARG A 896 -28.09 12.81 -4.29
C ARG A 896 -29.05 13.99 -4.23
N ASP A 897 -28.55 15.21 -4.07
CA ASP A 897 -29.33 16.42 -4.28
C ASP A 897 -28.47 17.42 -5.03
N PRO A 898 -28.89 17.88 -6.21
CA PRO A 898 -27.96 18.56 -7.12
C PRO A 898 -27.69 20.02 -6.80
N LEU A 899 -27.97 20.46 -5.57
CA LEU A 899 -27.69 21.82 -5.16
C LEU A 899 -26.19 21.97 -4.95
N LYS A 900 -25.58 22.98 -5.57
CA LYS A 900 -24.13 23.12 -5.52
C LYS A 900 -23.64 23.33 -4.09
N ALA A 901 -23.93 24.49 -3.52
CA ALA A 901 -23.64 24.78 -2.13
C ALA A 901 -24.69 25.64 -1.45
N ARG A 902 -25.73 26.09 -2.16
CA ARG A 902 -26.61 27.12 -1.63
C ARG A 902 -27.47 26.61 -0.49
N SER A 903 -27.66 25.32 -0.37
CA SER A 903 -28.31 24.91 0.86
C SER A 903 -27.34 25.02 2.02
N PRO A 904 -27.81 25.41 3.21
CA PRO A 904 -26.90 25.61 4.34
C PRO A 904 -26.19 24.35 4.81
N GLU A 905 -26.77 23.18 4.50
CA GLU A 905 -26.22 21.93 5.01
C GLU A 905 -24.82 21.67 4.48
N CYS A 906 -24.63 21.76 3.16
CA CYS A 906 -23.34 21.39 2.59
C CYS A 906 -22.27 22.42 2.89
N VAL A 907 -22.64 23.70 2.90
CA VAL A 907 -21.65 24.73 3.24
C VAL A 907 -21.29 24.65 4.72
N GLN A 908 -22.25 24.26 5.58
CA GLN A 908 -21.94 24.07 6.99
C GLN A 908 -21.02 22.88 7.19
N LEU A 909 -21.25 21.80 6.45
CA LEU A 909 -20.32 20.69 6.44
C LEU A 909 -18.93 21.08 5.97
N ALA A 910 -18.84 21.90 4.92
CA ALA A 910 -17.54 22.37 4.46
C ALA A 910 -16.85 23.22 5.50
N ALA A 911 -17.62 24.02 6.24
CA ALA A 911 -17.06 24.84 7.31
C ALA A 911 -16.54 23.96 8.44
N LEU A 912 -17.35 22.98 8.88
CA LEU A 912 -16.92 22.07 9.92
C LEU A 912 -15.71 21.25 9.50
N HIS A 913 -15.57 21.01 8.19
CA HIS A 913 -14.38 20.32 7.67
C HIS A 913 -13.29 21.31 7.28
N SER A 914 -12.97 22.18 8.21
CA SER A 914 -11.79 23.05 8.12
C SER A 914 -10.72 22.71 9.14
N MET A 915 -11.13 22.28 10.34
CA MET A 915 -10.22 21.77 11.35
C MET A 915 -10.51 20.32 11.74
N ALA A 916 -11.29 19.61 10.94
CA ALA A 916 -11.61 18.21 11.18
C ALA A 916 -11.40 17.33 9.95
N VAL A 917 -10.45 17.70 9.08
CA VAL A 917 -10.33 17.00 7.80
C VAL A 917 -9.62 15.67 7.96
N ASP A 918 -8.42 15.67 8.57
CA ASP A 918 -7.58 14.48 8.60
C ASP A 918 -7.22 14.05 10.02
N PHE A 919 -7.83 14.63 11.04
CA PHE A 919 -7.67 14.29 12.45
C PHE A 919 -6.31 14.74 13.00
N ALA A 920 -5.43 15.25 12.16
CA ALA A 920 -4.15 15.84 12.58
C ALA A 920 -4.35 17.35 12.50
N LYS A 921 -4.94 17.90 13.54
CA LYS A 921 -5.51 19.25 13.51
C LYS A 921 -5.33 19.86 14.90
N THR A 922 -6.10 20.90 15.19
CA THR A 922 -6.19 21.42 16.56
C THR A 922 -6.45 20.30 17.54
N GLY A 923 -7.12 19.24 17.09
CA GLY A 923 -7.19 18.00 17.84
C GLY A 923 -8.54 17.33 17.92
N ALA A 924 -8.61 16.10 17.38
CA ALA A 924 -9.70 15.13 17.54
C ALA A 924 -11.06 15.79 17.71
N PRO A 925 -11.57 16.51 16.69
CA PRO A 925 -12.83 17.24 16.89
C PRO A 925 -14.01 16.34 17.18
N ALA A 926 -14.33 15.41 16.27
CA ALA A 926 -15.46 14.50 16.45
C ALA A 926 -15.45 13.49 15.32
N GLU A 927 -15.93 12.27 15.62
CA GLU A 927 -16.08 11.27 14.58
C GLU A 927 -17.16 11.70 13.58
N MET A 928 -18.38 11.93 14.07
CA MET A 928 -19.50 12.41 13.25
C MET A 928 -20.23 13.48 14.02
N PRO A 929 -19.75 14.73 13.96
CA PRO A 929 -20.49 15.83 14.60
C PRO A 929 -21.87 16.05 14.02
N LEU A 930 -22.13 15.52 12.83
CA LEU A 930 -23.47 15.53 12.24
C LEU A 930 -24.28 14.41 12.90
N ALA A 931 -25.45 14.10 12.36
CA ALA A 931 -26.28 13.03 12.93
C ALA A 931 -25.51 11.72 12.94
N LEU A 932 -25.15 11.22 11.75
CA LEU A 932 -24.37 9.99 11.63
C LEU A 932 -23.92 9.81 10.19
N ARG A 933 -23.22 8.73 9.91
CA ARG A 933 -22.86 8.42 8.54
C ARG A 933 -23.86 7.44 7.96
N PRO A 934 -24.40 7.73 6.78
CA PRO A 934 -25.43 6.86 6.20
C PRO A 934 -24.86 5.49 5.83
N ARG A 935 -25.74 4.50 5.89
CA ARG A 935 -25.39 3.10 5.67
C ARG A 935 -25.48 2.71 4.20
N GLU A 936 -25.34 3.66 3.29
CA GLU A 936 -25.41 3.39 1.86
C GLU A 936 -24.04 3.63 1.22
N PHE A 937 -23.91 3.14 0.00
CA PHE A 937 -22.70 3.20 -0.80
C PHE A 937 -23.09 3.36 -2.25
N PRO A 938 -22.11 3.50 -3.16
CA PRO A 938 -22.45 3.40 -4.59
C PRO A 938 -23.08 2.06 -4.95
N ASP A 939 -23.61 1.96 -6.17
CA ASP A 939 -24.36 0.78 -6.61
C ASP A 939 -23.48 -0.46 -6.79
N PHE A 940 -22.17 -0.32 -6.57
CA PHE A 940 -21.24 -1.31 -7.06
C PHE A 940 -20.42 -1.98 -5.94
N MET A 941 -21.10 -2.41 -4.88
CA MET A 941 -20.45 -3.14 -3.80
C MET A 941 -20.98 -4.55 -3.61
N GLU A 942 -21.57 -5.17 -4.65
CA GLU A 942 -22.07 -6.55 -4.65
C GLU A 942 -23.04 -6.81 -3.49
N ARG A 943 -23.43 -5.74 -2.79
CA ARG A 943 -24.43 -5.82 -1.74
C ARG A 943 -25.41 -4.65 -1.83
N TRP A 944 -25.80 -4.28 -3.04
CA TRP A 944 -26.78 -3.23 -3.23
C TRP A 944 -28.09 -3.62 -2.54
N GLU A 945 -28.43 -2.92 -1.47
CA GLU A 945 -29.53 -3.34 -0.61
C GLU A 945 -30.81 -2.56 -0.92
N ARG A 946 -30.72 -1.23 -0.96
CA ARG A 946 -31.86 -0.39 -1.25
C ARG A 946 -31.36 0.87 -1.93
N PRO A 947 -31.80 1.15 -3.15
CA PRO A 947 -31.26 2.30 -3.89
C PRO A 947 -32.06 3.57 -3.69
N MET A 948 -31.39 4.68 -3.94
CA MET A 948 -32.03 5.99 -3.94
C MET A 948 -32.72 6.20 -5.29
N TYR A 949 -33.00 7.45 -5.65
CA TYR A 949 -33.67 7.73 -6.90
C TYR A 949 -32.82 7.27 -8.09
N VAL A 950 -33.41 7.36 -9.29
CA VAL A 950 -32.84 6.70 -10.47
C VAL A 950 -31.36 7.03 -10.61
N SER A 951 -30.58 6.04 -11.05
CA SER A 951 -29.13 6.18 -11.09
C SER A 951 -28.73 7.23 -12.12
N ASN A 952 -28.36 8.40 -11.64
CA ASN A 952 -27.95 9.51 -12.49
C ASN A 952 -26.43 9.52 -12.62
N GLY A 953 -25.90 10.58 -13.23
CA GLY A 953 -24.50 10.62 -13.55
C GLY A 953 -24.18 9.64 -14.66
N VAL A 954 -22.93 9.70 -15.12
CA VAL A 954 -22.51 8.84 -16.22
C VAL A 954 -21.82 7.57 -15.74
N LEU A 955 -22.02 7.18 -14.48
CA LEU A 955 -21.30 6.03 -13.95
C LEU A 955 -21.81 4.73 -14.55
N GLY A 956 -23.12 4.50 -14.48
CA GLY A 956 -23.69 3.31 -15.10
C GLY A 956 -23.50 3.29 -16.60
N LYS A 957 -23.60 4.46 -17.24
CA LYS A 957 -23.45 4.51 -18.69
C LYS A 957 -22.01 4.29 -19.12
N LEU A 958 -21.04 4.71 -18.30
CA LEU A 958 -19.65 4.37 -18.56
C LEU A 958 -19.38 2.90 -18.30
N TYR A 959 -20.01 2.32 -17.27
CA TYR A 959 -19.87 0.89 -17.03
C TYR A 959 -20.50 0.06 -18.13
N ARG A 960 -21.48 0.62 -18.85
CA ARG A 960 -22.00 -0.03 -20.04
C ARG A 960 -20.88 -0.27 -21.05
N ALA A 961 -21.14 -1.19 -21.98
CA ALA A 961 -20.15 -1.59 -22.98
C ALA A 961 -18.88 -2.12 -22.32
N ALA A 962 -19.04 -3.08 -21.42
CA ALA A 962 -17.92 -3.61 -20.66
C ALA A 962 -16.94 -4.37 -21.55
N GLU A 1000 14.14 -31.76 -19.91
CA GLU A 1000 13.99 -30.88 -18.76
C GLU A 1000 12.75 -30.00 -18.92
N ARG A 1001 12.42 -29.67 -20.16
CA ARG A 1001 11.34 -28.73 -20.43
C ARG A 1001 9.97 -29.33 -20.13
N TYR A 1002 9.72 -30.55 -20.61
CA TYR A 1002 8.46 -31.20 -20.33
C TYR A 1002 8.34 -31.54 -18.84
N GLU A 1003 9.45 -31.90 -18.19
CA GLU A 1003 9.42 -32.08 -16.75
C GLU A 1003 9.08 -30.80 -16.00
N ALA A 1004 9.65 -29.66 -16.41
CA ALA A 1004 9.31 -28.40 -15.76
C ALA A 1004 7.83 -28.06 -15.97
N TYR A 1005 7.31 -28.32 -17.17
CA TYR A 1005 5.89 -28.10 -17.41
C TYR A 1005 5.04 -29.01 -16.54
N ALA A 1006 5.44 -30.27 -16.40
CA ALA A 1006 4.70 -31.20 -15.54
C ALA A 1006 4.71 -30.74 -14.09
N GLU A 1007 5.86 -30.25 -13.61
CA GLU A 1007 5.93 -29.75 -12.24
C GLU A 1007 5.04 -28.53 -12.05
N ARG A 1008 5.04 -27.61 -13.01
CA ARG A 1008 4.14 -26.46 -12.94
C ARG A 1008 2.69 -26.89 -12.90
N LEU A 1009 2.31 -27.82 -13.79
CA LEU A 1009 0.96 -28.33 -13.83
C LEU A 1009 0.57 -28.97 -12.50
N GLY A 1010 1.47 -29.77 -11.93
CA GLY A 1010 1.16 -30.44 -10.68
C GLY A 1010 1.04 -29.48 -9.51
N ALA A 1011 1.91 -28.46 -9.48
CA ALA A 1011 1.85 -27.47 -8.40
C ALA A 1011 0.61 -26.60 -8.53
N LEU A 1012 0.12 -26.38 -9.74
CA LEU A 1012 -1.03 -25.49 -9.90
C LEU A 1012 -2.36 -26.22 -9.94
N MET A 1013 -2.37 -27.53 -10.10
CA MET A 1013 -3.65 -28.24 -10.17
C MET A 1013 -4.15 -28.72 -8.82
N THR A 1014 -4.18 -27.81 -7.86
CA THR A 1014 -5.05 -27.94 -6.69
C THR A 1014 -6.42 -27.38 -7.09
N TYR A 1015 -7.24 -27.02 -6.11
CA TYR A 1015 -8.58 -26.47 -6.36
C TYR A 1015 -8.58 -25.37 -7.43
N TYR A 1016 -7.41 -24.77 -7.69
CA TYR A 1016 -7.27 -23.77 -8.75
C TYR A 1016 -7.87 -24.25 -10.07
N SER A 1017 -8.85 -23.52 -10.59
CA SER A 1017 -9.48 -23.84 -11.87
C SER A 1017 -8.57 -23.35 -13.00
N ALA A 1018 -7.77 -24.25 -13.56
CA ALA A 1018 -6.82 -23.89 -14.62
C ALA A 1018 -6.63 -25.11 -15.51
N GLU A 1019 -7.14 -25.05 -16.74
CA GLU A 1019 -7.38 -26.28 -17.49
C GLU A 1019 -6.12 -26.84 -18.15
N ARG A 1020 -5.58 -26.14 -19.16
CA ARG A 1020 -4.39 -26.63 -19.85
C ARG A 1020 -3.22 -25.64 -19.77
N GLU A 1021 -3.36 -24.44 -20.34
CA GLU A 1021 -2.31 -23.42 -20.20
C GLU A 1021 -2.83 -22.01 -19.98
N ASP A 1022 -4.04 -21.69 -20.44
CA ASP A 1022 -4.49 -20.31 -20.43
C ASP A 1022 -4.63 -19.78 -19.01
N GLU A 1023 -5.42 -20.46 -18.19
CA GLU A 1023 -5.61 -20.02 -16.81
C GLU A 1023 -4.37 -20.27 -15.97
N ILE A 1024 -3.54 -21.24 -16.36
CA ILE A 1024 -2.34 -21.50 -15.56
C ILE A 1024 -1.29 -20.44 -15.79
N LEU A 1025 -1.31 -19.78 -16.95
CA LEU A 1025 -0.35 -18.71 -17.23
C LEU A 1025 -0.91 -17.31 -16.98
N THR A 1026 -2.23 -17.14 -17.02
CA THR A 1026 -2.81 -15.83 -16.75
C THR A 1026 -2.56 -15.42 -15.29
N GLY A 1027 -2.43 -14.12 -15.09
CA GLY A 1027 -2.28 -13.58 -13.75
C GLY A 1027 -3.47 -13.81 -12.84
N ASN A 1028 -4.57 -14.30 -13.38
CA ASN A 1028 -5.74 -14.67 -12.60
C ASN A 1028 -6.45 -15.81 -13.33
N ILE A 1029 -7.68 -16.09 -12.95
CA ILE A 1029 -8.52 -17.02 -13.68
C ILE A 1029 -9.21 -16.28 -14.82
N ARG A 1030 -9.19 -16.87 -16.01
CA ARG A 1030 -9.82 -16.25 -17.17
C ARG A 1030 -11.34 -16.23 -17.08
N ASN A 1031 -11.92 -16.82 -16.04
CA ASN A 1031 -13.34 -16.78 -15.79
C ASN A 1031 -13.56 -16.38 -14.33
N LYS A 1032 -14.20 -15.24 -14.12
CA LYS A 1032 -14.47 -14.76 -12.76
C LYS A 1032 -15.71 -13.87 -12.80
N LEU A 1033 -16.77 -14.32 -12.14
CA LEU A 1033 -17.99 -13.52 -12.01
C LEU A 1033 -18.27 -13.16 -10.56
N VAL A 1034 -18.35 -14.14 -9.66
CA VAL A 1034 -18.61 -13.88 -8.24
C VAL A 1034 -17.57 -14.60 -7.41
N TYR A 1035 -16.46 -15.00 -8.05
CA TYR A 1035 -15.46 -15.82 -7.36
C TYR A 1035 -14.66 -15.02 -6.35
N LEU A 1036 -14.61 -13.70 -6.50
CA LEU A 1036 -13.81 -12.85 -5.62
C LEU A 1036 -14.62 -11.77 -4.92
N ARG A 1037 -15.91 -11.61 -5.26
CA ARG A 1037 -16.68 -10.47 -4.79
C ARG A 1037 -16.84 -10.41 -3.28
N ARG A 1038 -16.41 -11.43 -2.55
CA ARG A 1038 -16.48 -11.36 -1.09
C ARG A 1038 -15.36 -10.49 -0.52
N ASP A 1039 -14.11 -10.87 -0.76
CA ASP A 1039 -12.97 -10.13 -0.23
C ASP A 1039 -11.85 -9.86 -1.23
N ASN A 1040 -11.79 -10.56 -2.37
CA ASN A 1040 -10.73 -10.43 -3.36
C ASN A 1040 -9.36 -10.84 -2.83
N LYS A 1041 -9.31 -11.47 -1.66
CA LYS A 1041 -8.06 -11.88 -1.03
C LYS A 1041 -7.83 -13.38 -1.17
N ARG A 1042 -8.20 -13.94 -2.32
CA ARG A 1042 -8.22 -15.39 -2.50
C ARG A 1042 -7.35 -15.87 -3.66
N TYR A 1043 -6.59 -14.98 -4.29
CA TYR A 1043 -5.73 -15.43 -5.38
C TYR A 1043 -4.30 -14.93 -5.27
N PHE A 1044 -4.11 -13.69 -4.79
CA PHE A 1044 -2.88 -12.95 -5.06
C PHE A 1044 -1.67 -13.56 -4.35
N GLU A 1045 -1.81 -13.88 -3.07
CA GLU A 1045 -0.67 -14.40 -2.32
C GLU A 1045 -0.17 -15.71 -2.93
N MET A 1046 -1.09 -16.63 -3.20
CA MET A 1046 -0.69 -17.91 -3.78
C MET A 1046 -0.10 -17.75 -5.16
N LYS A 1047 -0.71 -16.89 -6.00
CA LYS A 1047 -0.18 -16.74 -7.35
C LYS A 1047 1.22 -16.12 -7.31
N ASP A 1048 1.43 -15.14 -6.43
CA ASP A 1048 2.74 -14.52 -6.33
C ASP A 1048 3.78 -15.52 -5.85
N ARG A 1049 3.43 -16.33 -4.84
CA ARG A 1049 4.39 -17.29 -4.32
C ARG A 1049 4.76 -18.33 -5.37
N ILE A 1050 3.76 -18.88 -6.07
CA ILE A 1050 4.04 -19.89 -7.09
C ILE A 1050 4.86 -19.31 -8.23
N ILE A 1051 4.53 -18.07 -8.65
CA ILE A 1051 5.26 -17.44 -9.74
C ILE A 1051 6.70 -17.18 -9.32
N ALA A 1052 6.91 -16.72 -8.09
CA ALA A 1052 8.28 -16.48 -7.61
C ALA A 1052 9.07 -17.77 -7.56
N ALA A 1053 8.44 -18.85 -7.08
CA ALA A 1053 9.13 -20.14 -7.01
C ALA A 1053 9.53 -20.62 -8.41
N VAL A 1054 8.59 -20.57 -9.36
CA VAL A 1054 8.92 -21.08 -10.69
C VAL A 1054 9.92 -20.18 -11.39
N ASP A 1055 9.89 -18.88 -11.13
CA ASP A 1055 10.87 -17.99 -11.74
C ASP A 1055 12.26 -18.24 -11.17
N ALA A 1056 12.36 -18.46 -9.86
CA ALA A 1056 13.66 -18.80 -9.28
C ALA A 1056 14.17 -20.12 -9.81
N LEU A 1057 13.28 -21.11 -9.96
CA LEU A 1057 13.67 -22.39 -10.55
C LEU A 1057 14.19 -22.21 -11.97
N HIS A 1058 13.48 -21.43 -12.78
CA HIS A 1058 13.91 -21.17 -14.15
C HIS A 1058 15.26 -20.47 -14.17
N ALA A 1059 15.43 -19.46 -13.29
CA ALA A 1059 16.69 -18.74 -13.24
C ALA A 1059 17.84 -19.68 -12.89
N GLU A 1060 17.64 -20.56 -11.91
CA GLU A 1060 18.65 -21.55 -11.56
C GLU A 1060 19.00 -22.42 -12.77
N VAL A 1061 17.98 -23.09 -13.35
CA VAL A 1061 18.22 -24.00 -14.45
C VAL A 1061 18.84 -23.30 -15.66
N ARG A 1062 18.61 -22.00 -15.82
CA ARG A 1062 19.16 -21.32 -16.99
C ARG A 1062 20.57 -20.79 -16.72
N GLY A 1063 20.83 -20.32 -15.50
CA GLY A 1063 22.11 -19.72 -15.19
C GLY A 1063 23.20 -20.70 -14.78
N TRP A 1064 22.88 -21.65 -13.91
CA TRP A 1064 23.90 -22.52 -13.34
C TRP A 1064 23.87 -23.86 -14.08
N LEU A 1065 24.68 -23.93 -15.13
CA LEU A 1065 24.90 -25.18 -15.86
C LEU A 1065 26.38 -25.33 -16.21
N ARG A 1075 28.60 -20.53 -22.90
CA ARG A 1075 28.03 -21.76 -23.43
C ARG A 1075 27.23 -22.47 -22.33
N VAL A 1076 26.91 -21.72 -21.28
CA VAL A 1076 26.18 -22.30 -20.16
C VAL A 1076 24.70 -22.50 -20.51
N ALA A 1077 24.00 -21.42 -20.83
CA ALA A 1077 22.61 -21.49 -21.28
C ALA A 1077 22.62 -21.43 -22.81
N SER A 1078 23.17 -22.50 -23.40
CA SER A 1078 23.53 -22.48 -24.82
C SER A 1078 22.31 -22.24 -25.70
N ALA A 1079 21.30 -23.11 -25.59
CA ALA A 1079 20.17 -23.10 -26.50
C ALA A 1079 19.46 -21.75 -26.58
N TRP A 1080 19.80 -20.80 -25.71
CA TRP A 1080 19.22 -19.48 -25.72
C TRP A 1080 20.25 -18.38 -25.83
N TYR A 1081 21.53 -18.69 -25.61
CA TYR A 1081 22.62 -17.74 -25.78
C TYR A 1081 23.16 -17.75 -27.20
N HIS A 1082 23.30 -18.94 -27.78
CA HIS A 1082 23.71 -19.13 -29.17
C HIS A 1082 22.88 -20.26 -29.73
N VAL A 1083 22.35 -20.08 -30.95
CA VAL A 1083 21.38 -21.04 -31.48
C VAL A 1083 22.07 -22.41 -31.59
N THR A 1084 21.73 -23.31 -30.68
CA THR A 1084 22.37 -24.61 -30.61
C THR A 1084 21.40 -25.79 -30.67
N TYR A 1085 20.29 -25.75 -29.93
CA TYR A 1085 19.32 -26.84 -29.92
C TYR A 1085 18.17 -26.43 -30.83
N HIS A 1086 18.18 -26.92 -32.06
CA HIS A 1086 17.17 -26.55 -33.05
C HIS A 1086 15.84 -27.29 -32.90
N PRO A 1087 15.80 -28.63 -32.66
CA PRO A 1087 14.52 -29.33 -32.76
C PRO A 1087 13.55 -29.00 -31.65
N ASP A 1088 13.10 -27.75 -31.58
CA ASP A 1088 12.10 -27.33 -30.62
C ASP A 1088 11.01 -26.50 -31.27
N ARG A 1089 11.34 -25.83 -32.37
CA ARG A 1089 10.43 -24.90 -33.02
C ARG A 1089 9.50 -25.57 -34.03
N ARG A 1090 9.39 -26.89 -34.00
CA ARG A 1090 8.39 -27.58 -34.80
C ARG A 1090 7.07 -27.61 -34.04
N GLY A 1091 6.03 -27.04 -34.63
CA GLY A 1091 4.77 -26.93 -33.94
C GLY A 1091 4.17 -28.29 -33.61
N GLU A 1092 3.49 -28.36 -32.48
CA GLU A 1092 2.77 -29.53 -31.99
C GLU A 1092 3.67 -30.74 -31.76
N LYS A 1093 4.98 -30.54 -31.63
CA LYS A 1093 5.83 -31.62 -31.16
C LYS A 1093 5.43 -32.06 -29.75
N ARG A 1094 5.19 -31.09 -28.88
CA ARG A 1094 4.50 -31.27 -27.61
C ARG A 1094 3.16 -30.56 -27.72
N PHE A 1095 2.46 -30.44 -26.59
CA PHE A 1095 1.17 -29.77 -26.61
C PHE A 1095 1.34 -28.30 -27.00
N TRP A 1096 0.21 -27.61 -27.14
CA TRP A 1096 0.17 -26.29 -27.77
C TRP A 1096 1.01 -25.23 -27.06
N SER A 1097 1.48 -25.54 -25.84
CA SER A 1097 2.34 -24.62 -25.09
C SER A 1097 3.79 -25.04 -25.34
N PHE A 1098 4.57 -24.13 -25.91
CA PHE A 1098 5.95 -24.47 -26.17
C PHE A 1098 6.89 -23.86 -25.12
N PRO A 1099 7.93 -24.58 -24.73
CA PRO A 1099 8.87 -24.07 -23.72
C PRO A 1099 9.79 -23.00 -24.26
N TRP A 1100 10.78 -22.62 -23.46
CA TRP A 1100 11.86 -21.69 -23.84
C TRP A 1100 11.38 -20.25 -23.93
N ILE A 1101 10.38 -19.87 -23.13
CA ILE A 1101 9.90 -18.50 -23.16
C ILE A 1101 9.90 -17.91 -21.76
N ILE A 1102 11.00 -17.27 -21.37
CA ILE A 1102 11.06 -16.48 -20.15
C ILE A 1102 12.34 -15.64 -20.16
N CYS A 1103 12.23 -14.41 -19.66
CA CYS A 1103 13.37 -13.57 -19.30
C CYS A 1103 14.25 -13.19 -20.49
N ASP A 1104 13.92 -13.70 -21.68
CA ASP A 1104 14.70 -13.38 -22.86
C ASP A 1104 13.83 -13.23 -24.10
N THR A 1105 12.57 -12.85 -23.94
CA THR A 1105 11.68 -12.68 -25.08
C THR A 1105 12.17 -11.54 -25.98
N LEU A 1106 12.62 -11.89 -27.18
CA LEU A 1106 13.07 -10.93 -28.18
C LEU A 1106 14.18 -10.05 -27.63
N LEU A 1107 15.26 -10.70 -27.18
CA LEU A 1107 16.38 -9.98 -26.57
C LEU A 1107 17.68 -10.16 -27.33
N ALA A 1108 18.10 -11.40 -27.62
CA ALA A 1108 19.42 -11.66 -28.17
C ALA A 1108 19.39 -12.36 -29.52
N ILE A 1109 18.52 -13.36 -29.68
CA ILE A 1109 18.47 -14.10 -30.94
C ILE A 1109 17.96 -13.21 -32.07
N LYS A 1110 16.85 -12.52 -31.84
CA LYS A 1110 16.38 -11.57 -32.84
C LYS A 1110 17.22 -10.30 -32.88
N ALA A 1111 18.07 -10.08 -31.87
CA ALA A 1111 19.03 -8.99 -31.94
C ALA A 1111 20.09 -9.31 -32.98
N ALA A 1112 20.94 -10.31 -32.70
CA ALA A 1112 21.96 -10.76 -33.65
C ALA A 1112 21.97 -12.28 -33.77
N ARG A 1113 21.04 -12.82 -34.56
CA ARG A 1113 21.21 -14.16 -35.14
C ARG A 1113 20.82 -14.26 -36.60
N ARG A 1114 19.97 -13.38 -37.12
CA ARG A 1114 19.41 -13.51 -38.46
C ARG A 1114 19.86 -12.43 -39.42
N CYS A 1115 19.88 -11.17 -38.99
CA CYS A 1115 20.24 -10.07 -39.89
C CYS A 1115 20.71 -8.86 -39.09
#